data_6HQ5
#
_entry.id   6HQ5
#
_cell.length_a   83.857
_cell.length_b   83.857
_cell.length_c   138.454
_cell.angle_alpha   90.000
_cell.angle_beta   90.000
_cell.angle_gamma   120.000
#
_symmetry.space_group_name_H-M   'P 31'
#
loop_
_entity.id
_entity.type
_entity.pdbx_description
1 polymer 'EAL Enzyme Bd1971'
2 non-polymer "9,9'-[(2R,3R,3aS,5S,7aR,9R,10R,10aS,12S,14aR)-3,5,10,12-tetrahydroxy-5,12-dioxidooctahydro-2H,7H-difuro[3,2-d:3',2'-j][1,3,7,9,2,8]tetraoxadiphosphacyclododecine-2,9-diyl]bis(2-amino-1,9-dihydro-6H-purin-6-one)"
3 non-polymer "ADENOSINE-3',5'-CYCLIC-MONOPHOSPHATE"
4 non-polymer 'CALCIUM ION'
5 water water
#
_entity_poly.entity_id   1
_entity_poly.type   'polypeptide(L)'
_entity_poly.pdbx_seq_one_letter_code
;AQSVDIHKDQIIFSEGDAGDCAYIIEKGRVLIYLTKDKEEIPLTILGEGEIFGEMALIDNQNRSASVRALEDVRLAIVTK
QQVLERVSTADKVVQLLMRVLLKRLRRKNIGGPGGSRISEVEFDNSGAGDDGTQSALDQIKLENQIFQAFQNKEFELFYQ
PIVNLKNKTITGCEALLRWNSPQHGLVSPNLFIDIIENSSMVIPIGHWIINQALKDLRTIQDQLRLNKKERMADDFMMSI
NISGRQFTHSDFVNNLEDLREKHDLHTQNIKLEMTERIMMDGAIAIDALNQCRSLGYAISIDDFGTGFSGLQYLTQMPIS
FLKIDRSFVMKILSDPKSKAVVSSIIHLAHAMDIEVIAEGIEHHEEALVLETLGARFGQGYLFSKPVDLGRFLKLIKL
;
_entity_poly.pdbx_strand_id   A,B
#
loop_
_chem_comp.id
_chem_comp.type
_chem_comp.name
_chem_comp.formula
C2E non-polymer 9,9'-[(2R,3R,3aS,5S,7aR,9R,10R,10aS,12S,14aR)-3,5,10,12-tetrahydroxy-5,12-dioxidooctahydro-2H,7H-difuro[3,2-d:3',2'-j][1,3,7,9,2,8]tetraoxadiphosphacyclododecine-2,9-diyl]bis(2-amino-1,9-dihydro-6H-purin-6-one) 'C20 H24 N10 O14 P2'
CA non-polymer 'CALCIUM ION' 'Ca 2'
CMP non-polymer ADENOSINE-3',5'-CYCLIC-MONOPHOSPHATE 'C10 H12 N5 O6 P'
#
# COMPACT_ATOMS: atom_id res chain seq x y z
N ALA A 1 -17.98 21.76 -16.59
CA ALA A 1 -18.91 20.70 -16.11
C ALA A 1 -18.69 20.36 -14.64
N GLN A 2 -19.30 21.15 -13.76
CA GLN A 2 -19.27 20.91 -12.30
C GLN A 2 -20.64 20.40 -11.87
N SER A 3 -21.47 21.23 -11.21
CA SER A 3 -22.90 20.95 -11.16
C SER A 3 -23.71 21.76 -12.17
N VAL A 4 -24.88 21.22 -12.51
CA VAL A 4 -25.77 21.83 -13.49
C VAL A 4 -27.20 21.88 -12.96
N ASP A 5 -27.88 23.00 -13.16
CA ASP A 5 -29.29 23.14 -12.82
C ASP A 5 -30.13 22.71 -14.01
N ILE A 6 -31.19 21.94 -13.77
CA ILE A 6 -32.22 21.70 -14.78
C ILE A 6 -33.62 21.90 -14.20
N HIS A 7 -34.51 22.42 -15.04
CA HIS A 7 -35.86 22.80 -14.62
C HIS A 7 -36.82 21.61 -14.57
N LYS A 8 -37.93 21.85 -13.89
CA LYS A 8 -39.03 20.89 -13.78
C LYS A 8 -39.46 20.35 -15.16
N ASP A 9 -39.90 19.09 -15.15
CA ASP A 9 -40.42 18.39 -16.34
C ASP A 9 -39.39 18.07 -17.43
N GLN A 10 -38.13 18.42 -17.20
CA GLN A 10 -37.09 18.16 -18.18
C GLN A 10 -36.67 16.70 -18.10
N ILE A 11 -36.74 16.01 -19.23
CA ILE A 11 -36.19 14.67 -19.30
C ILE A 11 -34.67 14.82 -19.37
N ILE A 12 -33.97 14.27 -18.37
CA ILE A 12 -32.51 14.30 -18.37
C ILE A 12 -32.03 13.38 -19.48
N PHE A 13 -32.39 12.10 -19.42
CA PHE A 13 -32.23 11.19 -20.56
C PHE A 13 -33.39 10.18 -20.63
N SER A 14 -33.48 9.48 -21.76
CA SER A 14 -34.52 8.47 -21.97
C SER A 14 -33.93 7.07 -22.06
N GLU A 15 -34.77 6.06 -21.79
CA GLU A 15 -34.32 4.67 -21.85
C GLU A 15 -34.01 4.30 -23.30
N GLY A 16 -32.94 3.54 -23.50
CA GLY A 16 -32.46 3.21 -24.83
C GLY A 16 -31.39 4.15 -25.37
N ASP A 17 -31.15 5.26 -24.68
CA ASP A 17 -30.07 6.17 -25.05
C ASP A 17 -28.73 5.57 -24.69
N ALA A 18 -27.67 6.09 -25.28
CA ALA A 18 -26.31 5.70 -24.95
C ALA A 18 -25.89 6.35 -23.64
N GLY A 19 -25.02 5.67 -22.90
CA GLY A 19 -24.63 6.09 -21.55
C GLY A 19 -23.39 6.97 -21.50
N ASP A 20 -23.59 8.28 -21.44
CA ASP A 20 -22.49 9.24 -21.35
C ASP A 20 -21.92 9.35 -19.92
N CYS A 21 -22.75 9.73 -18.95
CA CYS A 21 -22.27 9.91 -17.57
C CYS A 21 -23.38 9.81 -16.51
N ALA A 22 -22.97 9.68 -15.25
CA ALA A 22 -23.89 9.56 -14.12
C ALA A 22 -24.07 10.90 -13.41
N TYR A 23 -24.98 10.94 -12.44
CA TYR A 23 -25.29 12.18 -11.75
C TYR A 23 -25.61 11.95 -10.27
N ILE A 24 -25.18 12.86 -9.41
CA ILE A 24 -25.54 12.85 -8.00
C ILE A 24 -26.42 14.06 -7.71
N ILE A 25 -27.56 13.82 -7.06
CA ILE A 25 -28.56 14.86 -6.84
C ILE A 25 -28.18 15.71 -5.64
N GLU A 26 -28.03 17.02 -5.86
CA GLU A 26 -27.70 17.97 -4.79
C GLU A 26 -28.94 18.70 -4.30
N LYS A 27 -29.74 19.22 -5.24
CA LYS A 27 -31.03 19.84 -4.92
C LYS A 27 -32.15 19.17 -5.72
N GLY A 28 -33.32 19.06 -5.09
CA GLY A 28 -34.53 18.59 -5.78
C GLY A 28 -34.78 17.10 -5.80
N ARG A 29 -35.68 16.67 -6.70
CA ARG A 29 -36.08 15.27 -6.86
C ARG A 29 -36.29 14.90 -8.33
N VAL A 30 -36.07 13.62 -8.66
CA VAL A 30 -36.30 13.11 -10.02
C VAL A 30 -37.05 11.77 -9.98
N LEU A 31 -37.65 11.40 -11.12
CA LEU A 31 -38.42 10.18 -11.22
C LEU A 31 -37.78 9.20 -12.20
N ILE A 32 -37.64 7.94 -11.76
CA ILE A 32 -37.15 6.87 -12.62
C ILE A 32 -38.35 6.09 -13.14
N TYR A 33 -38.50 6.01 -14.46
CA TYR A 33 -39.66 5.35 -15.05
C TYR A 33 -39.37 4.61 -16.35
N LEU A 34 -40.16 3.57 -16.61
CA LEU A 34 -40.19 2.89 -17.89
C LEU A 34 -41.45 3.32 -18.62
N THR A 35 -41.46 3.17 -19.94
CA THR A 35 -42.67 3.41 -20.72
C THR A 35 -42.93 2.16 -21.57
N LYS A 36 -44.15 1.65 -21.48
CA LYS A 36 -44.57 0.47 -22.23
C LYS A 36 -45.80 0.86 -23.05
N ASP A 37 -45.67 0.79 -24.37
CA ASP A 37 -46.70 1.26 -25.30
C ASP A 37 -47.08 2.70 -24.96
N LYS A 38 -48.23 2.91 -24.31
CA LYS A 38 -48.69 4.24 -23.95
C LYS A 38 -48.61 4.52 -22.45
N GLU A 39 -48.52 3.48 -21.64
CA GLU A 39 -48.48 3.64 -20.18
C GLU A 39 -47.04 3.88 -19.73
N GLU A 40 -46.86 4.85 -18.85
CA GLU A 40 -45.57 5.08 -18.19
C GLU A 40 -45.64 4.44 -16.81
N ILE A 41 -44.53 3.84 -16.39
CA ILE A 41 -44.48 3.02 -15.18
C ILE A 41 -43.41 3.55 -14.22
N PRO A 42 -43.82 4.11 -13.06
CA PRO A 42 -42.85 4.70 -12.15
C PRO A 42 -42.14 3.66 -11.29
N LEU A 43 -40.82 3.56 -11.43
CA LEU A 43 -40.02 2.64 -10.61
C LEU A 43 -39.80 3.24 -9.23
N THR A 44 -39.26 4.46 -9.19
CA THR A 44 -39.11 5.18 -7.92
C THR A 44 -38.88 6.68 -8.11
N ILE A 45 -38.89 7.38 -6.98
CA ILE A 45 -38.49 8.78 -6.92
C ILE A 45 -37.13 8.86 -6.21
N LEU A 46 -36.22 9.67 -6.75
CA LEU A 46 -34.90 9.85 -6.13
C LEU A 46 -34.71 11.30 -5.67
N GLY A 47 -34.52 11.47 -4.37
CA GLY A 47 -34.25 12.78 -3.77
C GLY A 47 -32.76 13.05 -3.63
N GLU A 48 -32.43 14.16 -2.96
CA GLU A 48 -31.05 14.62 -2.87
C GLU A 48 -30.17 13.64 -2.11
N GLY A 49 -28.88 13.62 -2.47
CA GLY A 49 -27.93 12.66 -1.92
C GLY A 49 -27.79 11.39 -2.74
N GLU A 50 -28.83 11.04 -3.50
CA GLU A 50 -28.84 9.80 -4.28
C GLU A 50 -28.22 9.96 -5.66
N ILE A 51 -27.84 8.82 -6.25
CA ILE A 51 -27.08 8.78 -7.49
C ILE A 51 -27.88 8.03 -8.56
N PHE A 52 -27.77 8.46 -9.81
CA PHE A 52 -28.39 7.74 -10.93
C PHE A 52 -27.60 7.87 -12.22
N GLY A 53 -27.95 7.04 -13.19
CA GLY A 53 -27.26 7.00 -14.48
C GLY A 53 -25.98 6.22 -14.46
N GLU A 54 -25.77 5.41 -13.41
CA GLU A 54 -24.51 4.68 -13.22
C GLU A 54 -24.45 3.35 -13.96
N MET A 55 -25.59 2.67 -14.07
CA MET A 55 -25.62 1.31 -14.63
C MET A 55 -25.03 1.24 -16.04
N ALA A 56 -25.50 2.12 -16.92
CA ALA A 56 -25.09 2.12 -18.32
C ALA A 56 -23.57 2.20 -18.49
N LEU A 57 -22.91 2.95 -17.62
CA LEU A 57 -21.47 3.21 -17.74
C LEU A 57 -20.63 1.97 -17.45
N ILE A 58 -21.00 1.24 -16.40
CA ILE A 58 -20.20 0.12 -15.91
C ILE A 58 -20.04 -1.00 -16.94
N ASP A 59 -21.16 -1.47 -17.50
CA ASP A 59 -21.14 -2.57 -18.46
C ASP A 59 -21.40 -2.11 -19.90
N ASN A 60 -21.28 -0.82 -20.15
CA ASN A 60 -21.33 -0.25 -21.50
C ASN A 60 -22.61 -0.57 -22.28
N GLN A 61 -23.74 -0.66 -21.59
CA GLN A 61 -25.03 -0.91 -22.22
C GLN A 61 -25.90 0.34 -22.12
N ASN A 62 -27.06 0.31 -22.78
CA ASN A 62 -27.91 1.48 -22.90
C ASN A 62 -28.61 1.86 -21.59
N ARG A 63 -29.35 2.97 -21.61
CA ARG A 63 -30.09 3.44 -20.44
C ARG A 63 -31.25 2.49 -20.15
N SER A 64 -31.25 1.93 -18.95
CA SER A 64 -32.26 0.95 -18.55
C SER A 64 -33.61 1.58 -18.15
N ALA A 65 -33.67 2.91 -18.07
CA ALA A 65 -34.90 3.61 -17.71
C ALA A 65 -34.81 5.08 -18.08
N SER A 66 -35.96 5.75 -18.11
CA SER A 66 -35.99 7.20 -18.34
C SER A 66 -35.92 7.94 -17.02
N VAL A 67 -35.52 9.21 -17.07
CA VAL A 67 -35.39 10.04 -15.89
C VAL A 67 -35.94 11.43 -16.19
N ARG A 68 -36.80 11.95 -15.30
CA ARG A 68 -37.41 13.27 -15.50
C ARG A 68 -37.45 14.05 -14.19
N ALA A 69 -37.06 15.33 -14.26
CA ALA A 69 -37.05 16.20 -13.09
C ALA A 69 -38.46 16.58 -12.67
N LEU A 70 -38.83 16.17 -11.46
CA LEU A 70 -40.15 16.50 -10.89
C LEU A 70 -40.22 17.95 -10.37
N GLU A 71 -39.06 18.58 -10.19
CA GLU A 71 -38.98 19.98 -9.77
C GLU A 71 -37.64 20.55 -10.23
N ASP A 72 -37.32 21.77 -9.85
CA ASP A 72 -35.99 22.33 -10.13
C ASP A 72 -34.94 21.51 -9.37
N VAL A 73 -33.98 20.95 -10.11
CA VAL A 73 -32.93 20.13 -9.51
C VAL A 73 -31.54 20.59 -9.94
N ARG A 74 -30.55 20.28 -9.09
CA ARG A 74 -29.14 20.55 -9.36
C ARG A 74 -28.34 19.26 -9.26
N LEU A 75 -27.66 18.89 -10.34
CA LEU A 75 -26.97 17.60 -10.44
C LEU A 75 -25.46 17.75 -10.57
N ALA A 76 -24.72 16.90 -9.88
CA ALA A 76 -23.26 16.86 -9.95
C ALA A 76 -22.82 15.73 -10.86
N ILE A 77 -22.10 16.07 -11.94
CA ILE A 77 -21.77 15.12 -12.99
C ILE A 77 -20.64 14.17 -12.55
N VAL A 78 -20.81 12.89 -12.86
CA VAL A 78 -19.80 11.86 -12.61
C VAL A 78 -19.48 11.16 -13.91
N THR A 79 -18.20 11.14 -14.27
CA THR A 79 -17.77 10.75 -15.61
C THR A 79 -17.70 9.23 -15.79
N LYS A 80 -17.86 8.81 -17.04
CA LYS A 80 -17.66 7.41 -17.43
C LYS A 80 -16.26 6.97 -17.02
N GLN A 81 -15.26 7.72 -17.48
CA GLN A 81 -13.85 7.45 -17.15
C GLN A 81 -13.66 7.17 -15.64
N GLN A 82 -14.32 7.95 -14.80
CA GLN A 82 -14.16 7.84 -13.35
C GLN A 82 -14.68 6.54 -12.75
N VAL A 83 -15.82 6.08 -13.24
CA VAL A 83 -16.41 4.85 -12.70
C VAL A 83 -15.62 3.62 -13.20
N LEU A 84 -15.30 3.59 -14.49
CA LEU A 84 -14.53 2.48 -15.08
C LEU A 84 -13.16 2.34 -14.41
N GLU A 85 -12.50 3.47 -14.21
CA GLU A 85 -11.20 3.53 -13.54
C GLU A 85 -11.25 2.83 -12.17
N ARG A 86 -12.34 3.00 -11.46
CA ARG A 86 -12.47 2.45 -10.11
C ARG A 86 -12.94 0.98 -10.10
N VAL A 87 -13.86 0.62 -10.97
CA VAL A 87 -14.33 -0.78 -11.06
C VAL A 87 -13.29 -1.72 -11.66
N SER A 88 -12.61 -1.27 -12.71
CA SER A 88 -11.59 -2.08 -13.38
C SER A 88 -10.43 -2.45 -12.45
N THR A 89 -10.09 -1.53 -11.55
CA THR A 89 -9.00 -1.74 -10.59
C THR A 89 -9.49 -2.37 -9.27
N ALA A 90 -10.69 -2.95 -9.28
CA ALA A 90 -11.25 -3.57 -8.08
C ALA A 90 -10.97 -5.07 -8.05
N ASP A 91 -11.21 -5.68 -6.89
CA ASP A 91 -11.00 -7.12 -6.69
C ASP A 91 -11.76 -7.94 -7.73
N LYS A 92 -11.26 -9.13 -8.04
CA LYS A 92 -11.78 -9.94 -9.14
C LYS A 92 -13.20 -10.47 -8.91
N VAL A 93 -13.50 -10.93 -7.70
CA VAL A 93 -14.85 -11.43 -7.40
C VAL A 93 -15.81 -10.27 -7.17
N VAL A 94 -15.32 -9.21 -6.54
CA VAL A 94 -16.10 -7.98 -6.37
C VAL A 94 -16.66 -7.51 -7.72
N GLN A 95 -15.88 -7.65 -8.78
CA GLN A 95 -16.33 -7.30 -10.13
C GLN A 95 -17.41 -8.24 -10.68
N LEU A 96 -17.38 -9.51 -10.28
CA LEU A 96 -18.47 -10.43 -10.59
C LEU A 96 -19.75 -10.01 -9.90
N LEU A 97 -19.67 -9.85 -8.58
CA LEU A 97 -20.81 -9.39 -7.78
C LEU A 97 -21.51 -8.19 -8.43
N MET A 98 -20.72 -7.29 -9.01
CA MET A 98 -21.26 -6.13 -9.73
C MET A 98 -22.04 -6.53 -10.99
N ARG A 99 -21.46 -7.39 -11.80
CA ARG A 99 -22.09 -7.81 -13.06
C ARG A 99 -23.41 -8.54 -12.85
N VAL A 100 -23.45 -9.50 -11.93
CA VAL A 100 -24.69 -10.21 -11.62
C VAL A 100 -25.80 -9.27 -11.13
N LEU A 101 -25.45 -8.34 -10.24
CA LEU A 101 -26.43 -7.37 -9.73
C LEU A 101 -26.96 -6.47 -10.83
N LEU A 102 -26.07 -5.97 -11.68
CA LEU A 102 -26.45 -5.16 -12.84
C LEU A 102 -27.42 -5.91 -13.73
N LYS A 103 -27.02 -7.11 -14.12
CA LYS A 103 -27.80 -7.93 -15.04
C LYS A 103 -29.16 -8.31 -14.43
N ARG A 104 -29.16 -8.61 -13.14
CA ARG A 104 -30.40 -8.94 -12.44
C ARG A 104 -31.32 -7.74 -12.28
N LEU A 105 -30.75 -6.55 -12.07
CA LEU A 105 -31.57 -5.34 -11.95
C LEU A 105 -32.19 -4.94 -13.29
N ARG A 106 -31.48 -5.21 -14.39
CA ARG A 106 -32.04 -5.00 -15.73
C ARG A 106 -33.02 -6.08 -16.11
N ARG A 107 -32.55 -7.32 -16.09
CA ARG A 107 -33.36 -8.46 -16.55
C ARG A 107 -34.68 -8.56 -15.80
N LYS A 108 -34.70 -8.10 -14.55
CA LYS A 108 -35.88 -8.16 -13.71
C LYS A 108 -36.81 -6.95 -13.89
N ASN A 109 -36.25 -5.75 -13.95
CA ASN A 109 -37.11 -4.55 -14.09
C ASN A 109 -37.87 -4.55 -15.43
N ILE A 110 -37.39 -5.29 -16.42
CA ILE A 110 -38.20 -5.59 -17.63
C ILE A 110 -39.17 -6.75 -17.43
N GLY A 111 -38.70 -7.85 -16.85
CA GLY A 111 -39.52 -9.07 -16.73
C GLY A 111 -40.59 -9.00 -15.66
N GLN A 134 -11.54 -17.52 -13.22
CA GLN A 134 -11.28 -18.79 -12.51
C GLN A 134 -10.21 -18.66 -11.43
N SER A 135 -9.14 -17.93 -11.72
CA SER A 135 -8.03 -17.74 -10.76
C SER A 135 -8.48 -17.06 -9.45
N ALA A 136 -9.62 -16.39 -9.50
CA ALA A 136 -10.26 -15.89 -8.29
C ALA A 136 -10.84 -17.05 -7.46
N LEU A 137 -11.52 -17.99 -8.13
CA LEU A 137 -12.05 -19.18 -7.46
C LEU A 137 -10.91 -20.04 -6.91
N ASP A 138 -9.82 -20.12 -7.66
CA ASP A 138 -8.66 -20.95 -7.28
C ASP A 138 -8.01 -20.48 -5.97
N GLN A 139 -8.06 -19.18 -5.73
CA GLN A 139 -7.57 -18.59 -4.48
C GLN A 139 -8.40 -19.10 -3.29
N ILE A 140 -9.72 -19.15 -3.47
CA ILE A 140 -10.63 -19.60 -2.44
C ILE A 140 -10.35 -21.06 -2.10
N LYS A 141 -10.21 -21.89 -3.12
CA LYS A 141 -9.93 -23.31 -2.94
C LYS A 141 -8.58 -23.56 -2.23
N LEU A 142 -7.58 -22.72 -2.52
CA LEU A 142 -6.25 -22.86 -1.91
C LEU A 142 -6.26 -22.54 -0.41
N GLU A 143 -6.95 -21.47 -0.04
CA GLU A 143 -7.12 -21.12 1.38
C GLU A 143 -7.69 -22.29 2.17
N ASN A 144 -8.71 -22.94 1.61
CA ASN A 144 -9.33 -24.10 2.24
C ASN A 144 -8.35 -25.26 2.35
N GLN A 145 -7.59 -25.50 1.29
CA GLN A 145 -6.55 -26.53 1.30
C GLN A 145 -5.58 -26.30 2.46
N ILE A 146 -5.17 -25.05 2.63
CA ILE A 146 -4.20 -24.68 3.69
C ILE A 146 -4.81 -24.85 5.08
N PHE A 147 -6.01 -24.29 5.28
CA PHE A 147 -6.67 -24.36 6.57
C PHE A 147 -7.03 -25.80 6.97
N GLN A 148 -7.39 -26.62 5.98
CA GLN A 148 -7.66 -28.03 6.20
C GLN A 148 -6.37 -28.76 6.57
N ALA A 149 -5.27 -28.39 5.92
CA ALA A 149 -3.95 -28.93 6.24
C ALA A 149 -3.58 -28.64 7.69
N PHE A 150 -3.84 -27.42 8.14
CA PHE A 150 -3.62 -27.02 9.53
C PHE A 150 -4.36 -27.93 10.50
N GLN A 151 -5.62 -28.22 10.16
CA GLN A 151 -6.50 -29.00 11.04
C GLN A 151 -6.11 -30.48 11.12
N ASN A 152 -5.45 -31.02 10.10
CA ASN A 152 -4.96 -32.42 10.13
C ASN A 152 -3.53 -32.55 10.66
N LYS A 153 -3.07 -31.52 11.36
CA LYS A 153 -1.77 -31.52 11.99
C LYS A 153 -0.60 -31.69 11.01
N GLU A 154 -0.72 -31.06 9.84
CA GLU A 154 0.37 -31.07 8.86
C GLU A 154 1.37 -29.93 9.09
N PHE A 155 1.18 -29.13 10.15
CA PHE A 155 2.11 -28.04 10.49
C PHE A 155 3.02 -28.37 11.68
N GLU A 156 4.21 -27.76 11.70
CA GLU A 156 5.23 -28.03 12.70
C GLU A 156 6.22 -26.85 12.79
N LEU A 157 6.76 -26.59 13.97
CA LEU A 157 7.80 -25.55 14.13
C LEU A 157 9.19 -26.17 14.16
N PHE A 158 10.10 -25.62 13.34
CA PHE A 158 11.53 -25.91 13.44
C PHE A 158 12.19 -24.69 14.06
N TYR A 159 13.41 -24.86 14.57
CA TYR A 159 14.12 -23.77 15.26
C TYR A 159 15.53 -23.61 14.71
N GLN A 160 15.93 -22.36 14.43
CA GLN A 160 17.28 -22.07 13.96
C GLN A 160 18.09 -21.31 15.02
N PRO A 161 19.25 -21.86 15.42
CA PRO A 161 20.13 -21.20 16.39
C PRO A 161 20.52 -19.78 15.99
N ILE A 162 20.43 -18.86 16.95
CA ILE A 162 21.07 -17.56 16.86
C ILE A 162 22.32 -17.62 17.76
N VAL A 163 23.47 -17.22 17.21
CA VAL A 163 24.76 -17.44 17.88
C VAL A 163 25.55 -16.15 18.07
N ASN A 164 26.27 -16.08 19.17
CA ASN A 164 27.20 -14.98 19.45
C ASN A 164 28.43 -15.15 18.55
N LEU A 165 28.66 -14.19 17.65
CA LEU A 165 29.70 -14.31 16.63
C LEU A 165 31.12 -14.43 17.18
N LYS A 166 31.37 -13.83 18.35
CA LYS A 166 32.72 -13.84 18.94
C LYS A 166 33.10 -15.26 19.35
N ASN A 167 32.31 -15.85 20.25
CA ASN A 167 32.62 -17.16 20.84
C ASN A 167 31.92 -18.36 20.18
N LYS A 168 31.08 -18.11 19.17
CA LYS A 168 30.31 -19.15 18.48
C LYS A 168 29.30 -19.89 19.37
N THR A 169 28.87 -19.26 20.47
CA THR A 169 27.94 -19.90 21.40
C THR A 169 26.49 -19.58 21.08
N ILE A 170 25.63 -20.60 21.16
CA ILE A 170 24.21 -20.42 20.91
C ILE A 170 23.54 -19.65 22.05
N THR A 171 22.85 -18.57 21.71
CA THR A 171 22.22 -17.69 22.69
C THR A 171 20.69 -17.64 22.61
N GLY A 172 20.11 -18.35 21.65
CA GLY A 172 18.67 -18.32 21.39
C GLY A 172 18.33 -19.00 20.08
N CYS A 173 17.08 -18.87 19.63
CA CYS A 173 16.65 -19.46 18.35
C CYS A 173 15.41 -18.77 17.78
N GLU A 174 15.29 -18.79 16.45
CA GLU A 174 14.09 -18.29 15.76
C GLU A 174 13.18 -19.47 15.44
N ALA A 175 11.88 -19.29 15.72
CA ALA A 175 10.88 -20.31 15.39
C ALA A 175 10.39 -20.10 13.96
N LEU A 176 10.40 -21.17 13.17
CA LEU A 176 9.99 -21.10 11.77
C LEU A 176 8.96 -22.19 11.44
N LEU A 177 7.90 -21.79 10.73
CA LEU A 177 6.78 -22.69 10.42
C LEU A 177 7.14 -23.61 9.27
N ARG A 178 6.59 -24.83 9.32
CA ARG A 178 6.83 -25.84 8.28
C ARG A 178 5.53 -26.59 7.98
N TRP A 179 5.28 -26.81 6.69
CA TRP A 179 4.14 -27.60 6.22
C TRP A 179 4.65 -28.90 5.58
N ASN A 180 4.41 -30.01 6.25
CA ASN A 180 4.82 -31.34 5.79
C ASN A 180 3.85 -31.97 4.81
N SER A 181 3.94 -31.51 3.57
CA SER A 181 3.17 -32.06 2.46
C SER A 181 3.83 -31.74 1.12
N PRO A 182 3.78 -32.68 0.16
CA PRO A 182 4.35 -32.39 -1.16
C PRO A 182 3.64 -31.25 -1.92
N GLN A 183 2.40 -30.94 -1.55
CA GLN A 183 1.66 -29.78 -2.08
C GLN A 183 2.21 -28.42 -1.66
N HIS A 184 3.10 -28.36 -0.67
CA HIS A 184 3.75 -27.10 -0.28
C HIS A 184 4.68 -26.55 -1.37
N GLY A 185 5.33 -27.46 -2.09
CA GLY A 185 6.22 -27.09 -3.19
C GLY A 185 5.46 -26.64 -4.43
N LEU A 186 4.26 -27.18 -4.60
CA LEU A 186 3.35 -26.78 -5.69
C LEU A 186 2.78 -25.38 -5.46
N VAL A 187 2.74 -24.93 -4.21
CA VAL A 187 2.12 -23.65 -3.84
C VAL A 187 3.12 -22.49 -3.82
N SER A 188 4.22 -22.68 -3.09
CA SER A 188 5.38 -21.76 -3.00
C SER A 188 5.82 -21.66 -1.54
N PRO A 189 7.14 -21.78 -1.27
CA PRO A 189 7.63 -21.68 0.10
C PRO A 189 7.08 -20.49 0.89
N ASN A 190 7.17 -19.30 0.31
CA ASN A 190 6.69 -18.09 0.97
C ASN A 190 5.16 -17.94 0.95
N LEU A 191 4.53 -18.27 -0.18
CA LEU A 191 3.14 -17.84 -0.47
C LEU A 191 2.08 -18.50 0.40
N PHE A 192 2.38 -19.64 1.02
CA PHE A 192 1.37 -20.19 1.94
C PHE A 192 1.32 -19.34 3.22
N ILE A 193 2.42 -18.64 3.54
CA ILE A 193 2.44 -17.71 4.68
C ILE A 193 1.69 -16.42 4.28
N ASP A 194 1.87 -15.96 3.06
CA ASP A 194 1.13 -14.80 2.56
C ASP A 194 -0.36 -15.03 2.66
N ILE A 195 -0.81 -16.17 2.14
CA ILE A 195 -2.21 -16.58 2.24
C ILE A 195 -2.65 -16.58 3.69
N ILE A 196 -1.94 -17.30 4.55
CA ILE A 196 -2.27 -17.33 5.98
C ILE A 196 -2.38 -15.91 6.52
N GLU A 197 -1.36 -15.09 6.27
CA GLU A 197 -1.29 -13.73 6.80
C GLU A 197 -2.39 -12.77 6.35
N ASN A 198 -2.89 -12.96 5.13
CA ASN A 198 -3.97 -12.12 4.59
C ASN A 198 -5.32 -12.84 4.53
N SER A 199 -5.68 -13.56 5.60
CA SER A 199 -6.88 -14.42 5.53
C SER A 199 -7.84 -14.52 6.71
N SER A 200 -7.38 -14.28 7.94
CA SER A 200 -8.26 -14.44 9.11
C SER A 200 -8.19 -15.84 9.69
N MET A 201 -7.55 -16.77 8.99
CA MET A 201 -7.01 -17.96 9.66
C MET A 201 -5.72 -17.60 10.42
N VAL A 202 -5.26 -16.35 10.28
CA VAL A 202 -4.13 -15.83 11.07
C VAL A 202 -4.28 -16.05 12.57
N ILE A 203 -5.42 -15.66 13.14
CA ILE A 203 -5.55 -15.62 14.61
C ILE A 203 -5.58 -17.02 15.27
N PRO A 204 -6.30 -18.00 14.70
CA PRO A 204 -6.19 -19.34 15.29
C PRO A 204 -4.83 -20.02 15.06
N ILE A 205 -4.24 -19.83 13.88
CA ILE A 205 -2.93 -20.41 13.56
C ILE A 205 -1.84 -19.69 14.35
N GLY A 206 -1.89 -18.36 14.33
CA GLY A 206 -0.98 -17.54 15.11
C GLY A 206 -0.99 -17.95 16.57
N HIS A 207 -2.18 -18.18 17.11
CA HIS A 207 -2.33 -18.64 18.50
C HIS A 207 -1.62 -19.97 18.72
N TRP A 208 -1.79 -20.90 17.79
CA TRP A 208 -1.12 -22.20 17.89
C TRP A 208 0.40 -22.09 17.83
N ILE A 209 0.90 -21.20 16.99
CA ILE A 209 2.35 -21.00 16.82
C ILE A 209 2.95 -20.51 18.14
N ILE A 210 2.40 -19.41 18.65
CA ILE A 210 2.89 -18.79 19.89
C ILE A 210 2.90 -19.81 21.02
N ASN A 211 1.82 -20.56 21.15
CA ASN A 211 1.70 -21.61 22.16
C ASN A 211 2.81 -22.65 22.01
N GLN A 212 3.00 -23.15 20.78
CA GLN A 212 3.97 -24.19 20.51
C GLN A 212 5.40 -23.74 20.78
N ALA A 213 5.72 -22.53 20.36
CA ALA A 213 7.04 -21.95 20.60
C ALA A 213 7.31 -21.76 22.10
N LEU A 214 6.29 -21.32 22.85
CA LEU A 214 6.44 -21.08 24.28
C LEU A 214 6.57 -22.41 25.04
N LYS A 215 5.82 -23.41 24.60
CA LYS A 215 5.93 -24.75 25.16
C LYS A 215 7.36 -25.27 25.04
N ASP A 216 7.91 -25.19 23.83
CA ASP A 216 9.26 -25.70 23.57
C ASP A 216 10.35 -24.84 24.20
N LEU A 217 10.05 -23.57 24.48
CA LEU A 217 10.99 -22.70 25.18
C LEU A 217 11.19 -23.20 26.60
N ARG A 218 10.09 -23.48 27.30
CA ARG A 218 10.14 -24.02 28.65
C ARG A 218 11.01 -25.29 28.68
N THR A 219 10.80 -26.16 27.70
CA THR A 219 11.60 -27.39 27.55
C THR A 219 13.08 -27.06 27.37
N ILE A 220 13.39 -26.14 26.46
CA ILE A 220 14.78 -25.74 26.21
C ILE A 220 15.44 -25.24 27.49
N GLN A 221 14.75 -24.39 28.22
CA GLN A 221 15.28 -23.84 29.47
C GLN A 221 15.48 -24.93 30.53
N ASP A 222 14.47 -25.79 30.70
CA ASP A 222 14.54 -26.88 31.67
C ASP A 222 15.77 -27.76 31.47
N GLN A 223 16.01 -28.18 30.24
CA GLN A 223 17.18 -28.99 29.93
C GLN A 223 18.49 -28.29 30.25
N LEU A 224 18.55 -26.99 29.94
CA LEU A 224 19.76 -26.20 30.17
C LEU A 224 20.09 -26.13 31.66
N ARG A 225 19.08 -25.88 32.49
CA ARG A 225 19.27 -25.81 33.95
C ARG A 225 19.70 -27.14 34.54
N LEU A 226 19.05 -28.22 34.14
CA LEU A 226 19.37 -29.56 34.60
C LEU A 226 20.81 -29.99 34.26
N ASN A 227 21.45 -29.29 33.33
CA ASN A 227 22.88 -29.49 33.04
C ASN A 227 23.77 -28.36 33.57
N LYS A 228 23.30 -27.67 34.60
CA LYS A 228 24.05 -26.59 35.27
C LYS A 228 24.48 -25.47 34.32
N LYS A 229 23.53 -25.01 33.50
CA LYS A 229 23.75 -23.88 32.59
C LYS A 229 22.69 -22.82 32.88
N GLU A 230 22.72 -22.33 34.13
CA GLU A 230 21.73 -21.37 34.63
C GLU A 230 21.80 -20.02 33.93
N ARG A 231 23.00 -19.59 33.59
CA ARG A 231 23.18 -18.29 32.95
C ARG A 231 22.68 -18.32 31.52
N MET A 232 23.04 -19.37 30.78
CA MET A 232 22.56 -19.56 29.41
C MET A 232 21.04 -19.70 29.36
N ALA A 233 20.46 -20.33 30.38
CA ALA A 233 19.01 -20.48 30.48
C ALA A 233 18.32 -19.15 30.78
N ASP A 234 18.92 -18.34 31.65
CA ASP A 234 18.38 -17.02 32.00
C ASP A 234 18.42 -16.02 30.84
N ASP A 235 19.37 -16.19 29.93
CA ASP A 235 19.58 -15.25 28.81
C ASP A 235 19.06 -15.76 27.47
N PHE A 236 18.37 -16.91 27.46
CA PHE A 236 17.92 -17.53 26.21
C PHE A 236 16.75 -16.76 25.59
N MET A 237 16.83 -16.54 24.28
CA MET A 237 15.78 -15.83 23.53
C MET A 237 15.03 -16.78 22.60
N MET A 238 13.71 -16.73 22.65
CA MET A 238 12.86 -17.42 21.68
C MET A 238 12.24 -16.36 20.76
N SER A 239 12.67 -16.33 19.50
CA SER A 239 12.13 -15.39 18.51
C SER A 239 10.88 -15.97 17.86
N ILE A 240 9.79 -15.21 17.89
CA ILE A 240 8.54 -15.62 17.26
C ILE A 240 8.13 -14.57 16.19
N ASN A 241 7.84 -15.04 14.98
CA ASN A 241 7.43 -14.16 13.90
C ASN A 241 5.94 -13.84 13.98
N ILE A 242 5.62 -12.61 14.40
CA ILE A 242 4.23 -12.15 14.58
C ILE A 242 3.81 -11.29 13.39
N SER A 243 2.76 -11.71 12.69
CA SER A 243 2.27 -10.97 11.52
C SER A 243 1.50 -9.69 11.87
N GLY A 244 1.27 -8.85 10.87
CA GLY A 244 0.64 -7.56 11.05
C GLY A 244 -0.80 -7.62 11.54
N ARG A 245 -1.61 -8.47 10.90
CA ARG A 245 -3.01 -8.63 11.29
C ARG A 245 -3.19 -9.19 12.69
N GLN A 246 -2.38 -10.18 13.08
CA GLN A 246 -2.50 -10.80 14.40
C GLN A 246 -1.98 -9.89 15.50
N PHE A 247 -1.10 -8.96 15.15
CA PHE A 247 -0.56 -8.01 16.12
C PHE A 247 -1.58 -6.90 16.39
N THR A 248 -2.10 -6.31 15.33
CA THR A 248 -3.05 -5.19 15.41
C THR A 248 -4.44 -5.59 15.90
N HIS A 249 -4.73 -6.90 15.90
CA HIS A 249 -5.93 -7.44 16.50
C HIS A 249 -5.89 -7.18 18.01
N SER A 250 -7.04 -6.84 18.58
CA SER A 250 -7.16 -6.64 20.03
C SER A 250 -7.07 -8.00 20.73
N ASP A 251 -6.92 -7.97 22.06
CA ASP A 251 -6.72 -9.20 22.85
C ASP A 251 -5.36 -9.86 22.59
N PHE A 252 -4.51 -9.25 21.75
CA PHE A 252 -3.23 -9.86 21.40
C PHE A 252 -2.35 -10.01 22.64
N VAL A 253 -2.11 -8.89 23.32
CA VAL A 253 -1.31 -8.91 24.54
C VAL A 253 -2.00 -9.74 25.62
N ASN A 254 -3.32 -9.69 25.67
CA ASN A 254 -4.10 -10.47 26.65
C ASN A 254 -3.88 -11.96 26.47
N ASN A 255 -4.07 -12.42 25.23
CA ASN A 255 -3.85 -13.83 24.91
C ASN A 255 -2.38 -14.22 25.09
N LEU A 256 -1.49 -13.40 24.56
CA LEU A 256 -0.06 -13.63 24.71
C LEU A 256 0.32 -13.80 26.19
N GLU A 257 -0.28 -12.98 27.06
CA GLU A 257 0.10 -13.01 28.48
C GLU A 257 -0.37 -14.26 29.22
N ASP A 258 -1.64 -14.67 29.03
CA ASP A 258 -2.11 -15.91 29.68
C ASP A 258 -1.31 -17.12 29.17
N LEU A 259 -0.93 -17.10 27.89
CA LEU A 259 -0.06 -18.15 27.32
C LEU A 259 1.31 -18.21 28.01
N ARG A 260 1.90 -17.05 28.31
CA ARG A 260 3.17 -16.99 29.04
C ARG A 260 2.98 -17.50 30.47
N GLU A 261 1.86 -17.11 31.08
CA GLU A 261 1.49 -17.58 32.40
C GLU A 261 1.23 -19.08 32.42
N LYS A 262 0.55 -19.57 31.40
CA LYS A 262 0.24 -20.99 31.27
C LYS A 262 1.50 -21.85 31.29
N HIS A 263 2.56 -21.38 30.65
CA HIS A 263 3.81 -22.14 30.55
C HIS A 263 4.85 -21.70 31.58
N ASP A 264 4.49 -20.75 32.44
CA ASP A 264 5.38 -20.29 33.51
C ASP A 264 6.71 -19.79 32.95
N LEU A 265 6.65 -18.68 32.20
CA LEU A 265 7.81 -18.10 31.53
C LEU A 265 7.96 -16.62 31.86
N HIS A 266 9.18 -16.12 31.70
CA HIS A 266 9.48 -14.71 31.92
C HIS A 266 9.53 -13.97 30.58
N THR A 267 9.10 -12.70 30.61
CA THR A 267 8.97 -11.90 29.39
C THR A 267 10.30 -11.63 28.70
N GLN A 268 11.37 -11.48 29.49
CA GLN A 268 12.70 -11.19 28.93
C GLN A 268 13.24 -12.29 28.01
N ASN A 269 12.71 -13.51 28.14
CA ASN A 269 13.12 -14.62 27.28
C ASN A 269 12.31 -14.77 25.99
N ILE A 270 11.24 -13.97 25.86
CA ILE A 270 10.37 -14.01 24.69
C ILE A 270 10.55 -12.74 23.86
N LYS A 271 10.91 -12.93 22.59
CA LYS A 271 11.18 -11.82 21.67
C LYS A 271 10.22 -11.84 20.49
N LEU A 272 9.48 -10.74 20.32
CA LEU A 272 8.49 -10.63 19.23
C LEU A 272 9.14 -10.02 17.99
N GLU A 273 8.92 -10.64 16.85
CA GLU A 273 9.60 -10.26 15.61
C GLU A 273 8.61 -9.82 14.51
N MET A 274 8.54 -8.51 14.28
CA MET A 274 7.66 -7.93 13.24
C MET A 274 8.47 -7.45 12.04
N THR A 275 7.77 -7.22 10.93
CA THR A 275 8.33 -6.48 9.79
C THR A 275 8.10 -4.98 10.00
N GLU A 276 8.79 -4.14 9.22
CA GLU A 276 8.62 -2.69 9.30
C GLU A 276 7.19 -2.25 8.98
N ARG A 277 6.58 -2.88 7.99
CA ARG A 277 5.19 -2.57 7.57
C ARG A 277 4.22 -2.27 8.72
N ILE A 278 4.44 -2.86 9.89
CA ILE A 278 3.60 -2.60 11.05
C ILE A 278 3.52 -1.10 11.42
N MET A 279 4.51 -0.31 10.98
CA MET A 279 4.60 1.11 11.33
C MET A 279 3.64 2.01 10.53
N MET A 280 3.22 1.54 9.35
CA MET A 280 2.34 2.33 8.49
C MET A 280 0.97 2.59 9.12
N ASP A 281 0.54 1.70 10.03
CA ASP A 281 -0.71 1.87 10.76
C ASP A 281 -0.67 3.09 11.67
N GLY A 282 0.28 3.09 12.61
CA GLY A 282 0.46 4.20 13.52
C GLY A 282 -0.25 3.98 14.85
N ALA A 283 -1.29 4.76 15.10
CA ALA A 283 -1.97 4.84 16.41
C ALA A 283 -2.29 3.48 17.05
N ILE A 284 -2.91 2.59 16.29
CA ILE A 284 -3.33 1.28 16.81
C ILE A 284 -2.13 0.42 17.18
N ALA A 285 -1.00 0.65 16.50
CA ALA A 285 0.24 -0.09 16.78
C ALA A 285 1.04 0.51 17.94
N ILE A 286 1.29 1.82 17.89
CA ILE A 286 2.17 2.51 18.86
C ILE A 286 2.05 1.97 20.27
N ASP A 287 0.83 1.94 20.77
CA ASP A 287 0.58 1.61 22.18
C ASP A 287 0.82 0.13 22.43
N ALA A 288 0.43 -0.72 21.48
CA ALA A 288 0.63 -2.16 21.60
C ALA A 288 2.11 -2.51 21.66
N LEU A 289 2.94 -1.76 20.92
CA LEU A 289 4.41 -1.87 21.03
C LEU A 289 4.85 -1.48 22.42
N ASN A 290 4.34 -0.34 22.89
CA ASN A 290 4.67 0.18 24.22
C ASN A 290 4.17 -0.71 25.36
N GLN A 291 3.03 -1.38 25.15
CA GLN A 291 2.53 -2.36 26.12
C GLN A 291 3.51 -3.52 26.25
N CYS A 292 3.86 -4.12 25.12
CA CYS A 292 4.83 -5.22 25.08
C CYS A 292 6.18 -4.79 25.66
N ARG A 293 6.55 -3.54 25.38
CA ARG A 293 7.81 -2.97 25.86
C ARG A 293 7.77 -2.72 27.37
N SER A 294 6.64 -2.26 27.88
CA SER A 294 6.46 -2.03 29.31
C SER A 294 6.36 -3.35 30.08
N LEU A 295 5.74 -4.36 29.47
CA LEU A 295 5.64 -5.70 30.06
C LEU A 295 6.99 -6.44 30.09
N GLY A 296 7.91 -6.06 29.21
CA GLY A 296 9.27 -6.62 29.20
C GLY A 296 9.60 -7.52 28.01
N TYR A 297 8.75 -7.54 26.99
CA TYR A 297 9.04 -8.30 25.77
C TYR A 297 10.03 -7.54 24.91
N ALA A 298 10.95 -8.25 24.29
CA ALA A 298 11.88 -7.65 23.33
C ALA A 298 11.20 -7.55 21.97
N ILE A 299 11.35 -6.40 21.32
CA ILE A 299 10.77 -6.19 19.99
C ILE A 299 11.91 -6.13 18.97
N SER A 300 11.85 -7.03 17.98
CA SER A 300 12.86 -7.12 16.93
C SER A 300 12.23 -6.77 15.59
N ILE A 301 12.98 -6.03 14.78
CA ILE A 301 12.51 -5.62 13.45
C ILE A 301 13.21 -6.43 12.37
N ASP A 302 12.43 -7.21 11.63
CA ASP A 302 12.95 -8.12 10.64
C ASP A 302 12.77 -7.52 9.24
N ASP A 303 13.64 -7.91 8.32
CA ASP A 303 13.59 -7.42 6.94
C ASP A 303 13.69 -5.90 6.92
N PHE A 304 14.71 -5.36 7.59
CA PHE A 304 14.92 -3.91 7.71
C PHE A 304 15.57 -3.35 6.45
N GLY A 305 15.07 -2.20 5.99
CA GLY A 305 15.52 -1.59 4.75
C GLY A 305 14.98 -2.28 3.51
N THR A 306 13.88 -3.00 3.67
CA THR A 306 13.26 -3.77 2.59
C THR A 306 11.76 -3.82 2.84
N GLY A 307 11.02 -2.92 2.21
CA GLY A 307 9.57 -2.80 2.43
C GLY A 307 9.19 -1.36 2.76
N PHE A 308 8.65 -1.13 3.96
CA PHE A 308 8.27 0.22 4.39
C PHE A 308 9.40 0.86 5.19
N SER A 309 9.75 2.10 4.86
CA SER A 309 10.86 2.84 5.50
C SER A 309 10.61 3.25 6.95
N GLY A 310 11.55 2.89 7.83
CA GLY A 310 11.40 3.11 9.27
C GLY A 310 12.37 4.11 9.87
N LEU A 311 13.24 4.69 9.04
CA LEU A 311 14.34 5.54 9.54
C LEU A 311 13.85 6.53 10.59
N GLN A 312 12.82 7.30 10.24
CA GLN A 312 12.29 8.30 11.17
C GLN A 312 11.37 7.65 12.21
N TYR A 313 10.87 6.46 11.91
CA TYR A 313 10.03 5.70 12.85
C TYR A 313 10.84 4.84 13.81
N LEU A 314 12.15 4.75 13.56
CA LEU A 314 13.09 4.09 14.47
C LEU A 314 13.59 5.09 15.52
N THR A 315 13.40 6.38 15.27
CA THR A 315 13.79 7.44 16.20
C THR A 315 12.87 7.47 17.43
N GLN A 316 11.57 7.27 17.23
CA GLN A 316 10.60 7.44 18.34
C GLN A 316 10.13 6.12 18.99
N MET A 317 10.13 5.02 18.25
CA MET A 317 9.57 3.74 18.74
C MET A 317 10.61 2.82 19.41
N PRO A 318 10.17 1.96 20.35
CA PRO A 318 11.10 1.27 21.23
C PRO A 318 11.48 -0.15 20.76
N ILE A 319 12.61 -0.23 20.05
CA ILE A 319 13.09 -1.49 19.47
C ILE A 319 14.27 -2.03 20.29
N SER A 320 14.40 -3.34 20.35
CA SER A 320 15.53 -3.99 21.04
C SER A 320 16.58 -4.47 20.07
N PHE A 321 16.13 -5.18 19.03
CA PHE A 321 17.02 -5.76 18.03
C PHE A 321 16.58 -5.35 16.64
N LEU A 322 17.49 -5.44 15.68
CA LEU A 322 17.14 -5.27 14.27
C LEU A 322 17.99 -6.20 13.40
N LYS A 323 17.34 -6.88 12.47
CA LYS A 323 18.00 -7.90 11.64
C LYS A 323 18.46 -7.36 10.29
N ILE A 324 19.75 -7.52 9.98
CA ILE A 324 20.25 -7.29 8.62
C ILE A 324 19.83 -8.50 7.79
N ASP A 325 18.98 -8.27 6.80
CA ASP A 325 18.36 -9.34 6.04
C ASP A 325 19.35 -10.11 5.17
N ARG A 326 18.99 -11.35 4.84
CA ARG A 326 19.75 -12.21 3.91
C ARG A 326 20.20 -11.46 2.66
N SER A 327 19.27 -10.73 2.06
CA SER A 327 19.49 -10.04 0.78
C SER A 327 20.75 -9.17 0.77
N PHE A 328 21.03 -8.50 1.88
CA PHE A 328 22.25 -7.69 2.00
C PHE A 328 23.47 -8.58 2.18
N VAL A 329 23.39 -9.51 3.13
CA VAL A 329 24.53 -10.31 3.56
C VAL A 329 25.13 -11.15 2.43
N MET A 330 24.27 -11.72 1.59
CA MET A 330 24.74 -12.57 0.50
C MET A 330 25.53 -11.80 -0.57
N LYS A 331 25.30 -10.49 -0.67
CA LYS A 331 26.03 -9.64 -1.61
C LYS A 331 27.12 -8.79 -0.95
N ILE A 332 27.43 -9.06 0.32
CA ILE A 332 28.32 -8.20 1.10
C ILE A 332 29.75 -8.23 0.55
N LEU A 333 30.18 -9.38 0.04
CA LEU A 333 31.47 -9.52 -0.62
C LEU A 333 31.36 -9.24 -2.12
N SER A 334 30.20 -9.56 -2.69
CA SER A 334 29.94 -9.41 -4.12
C SER A 334 30.22 -7.99 -4.61
N ASP A 335 29.45 -7.02 -4.12
CA ASP A 335 29.68 -5.61 -4.45
C ASP A 335 29.86 -4.77 -3.19
N PRO A 336 30.70 -3.72 -3.26
CA PRO A 336 31.00 -2.89 -2.09
C PRO A 336 29.88 -1.92 -1.71
N LYS A 337 28.92 -1.71 -2.61
CA LYS A 337 27.80 -0.83 -2.33
C LYS A 337 26.95 -1.35 -1.16
N SER A 338 26.56 -2.61 -1.21
CA SER A 338 25.75 -3.21 -0.14
C SER A 338 26.54 -3.46 1.15
N LYS A 339 27.87 -3.52 1.04
CA LYS A 339 28.72 -3.57 2.22
C LYS A 339 28.65 -2.25 3.00
N ALA A 340 28.67 -1.14 2.25
CA ALA A 340 28.56 0.19 2.85
C ALA A 340 27.25 0.34 3.61
N VAL A 341 26.17 -0.13 2.99
CA VAL A 341 24.85 -0.06 3.59
C VAL A 341 24.81 -0.86 4.90
N VAL A 342 25.41 -2.04 4.90
CA VAL A 342 25.44 -2.89 6.10
C VAL A 342 26.24 -2.22 7.21
N SER A 343 27.38 -1.65 6.86
CA SER A 343 28.18 -0.91 7.83
C SER A 343 27.35 0.22 8.44
N SER A 344 26.62 0.93 7.58
CA SER A 344 25.81 2.05 8.00
C SER A 344 24.71 1.62 8.97
N ILE A 345 23.99 0.57 8.59
CA ILE A 345 22.91 0.02 9.41
C ILE A 345 23.43 -0.35 10.81
N ILE A 346 24.57 -1.03 10.85
CA ILE A 346 25.12 -1.52 12.11
C ILE A 346 25.48 -0.38 13.05
N HIS A 347 26.16 0.64 12.52
CA HIS A 347 26.58 1.78 13.32
C HIS A 347 25.39 2.60 13.76
N LEU A 348 24.44 2.81 12.86
CA LEU A 348 23.20 3.51 13.19
C LEU A 348 22.51 2.81 14.37
N ALA A 349 22.34 1.50 14.24
CA ALA A 349 21.72 0.68 15.29
C ALA A 349 22.40 0.88 16.63
N HIS A 350 23.73 0.84 16.64
CA HIS A 350 24.47 1.09 17.88
C HIS A 350 24.16 2.48 18.43
N ALA A 351 24.26 3.49 17.57
CA ALA A 351 23.94 4.88 17.97
C ALA A 351 22.54 5.02 18.57
N MET A 352 21.59 4.24 18.05
CA MET A 352 20.23 4.22 18.61
C MET A 352 20.11 3.34 19.86
N ASP A 353 21.21 2.72 20.28
CA ASP A 353 21.23 1.75 21.39
C ASP A 353 20.49 0.45 21.04
N ILE A 354 20.39 0.14 19.75
CA ILE A 354 19.78 -1.10 19.26
C ILE A 354 20.90 -2.10 18.99
N GLU A 355 20.59 -3.39 19.15
CA GLU A 355 21.57 -4.44 18.86
C GLU A 355 21.14 -5.19 17.60
N VAL A 356 22.08 -5.94 17.02
CA VAL A 356 21.98 -6.41 15.65
C VAL A 356 22.16 -7.92 15.54
N ILE A 357 21.38 -8.54 14.66
CA ILE A 357 21.55 -9.95 14.31
C ILE A 357 21.68 -10.07 12.79
N ALA A 358 22.84 -10.53 12.32
CA ALA A 358 23.07 -10.72 10.90
C ALA A 358 22.48 -12.05 10.47
N GLU A 359 21.82 -12.04 9.32
CA GLU A 359 20.99 -13.14 8.86
C GLU A 359 21.54 -13.70 7.55
N GLY A 360 21.45 -15.01 7.39
CA GLY A 360 21.85 -15.66 6.14
C GLY A 360 23.35 -15.82 5.93
N ILE A 361 24.09 -16.03 7.01
CA ILE A 361 25.54 -16.25 6.92
C ILE A 361 25.82 -17.70 6.46
N GLU A 362 26.46 -17.85 5.31
CA GLU A 362 26.78 -19.17 4.76
C GLU A 362 28.28 -19.51 4.70
N HIS A 363 29.15 -18.50 4.80
CA HIS A 363 30.59 -18.73 4.71
C HIS A 363 31.35 -18.03 5.84
N HIS A 364 32.49 -18.58 6.21
CA HIS A 364 33.32 -18.02 7.29
C HIS A 364 33.76 -16.59 6.96
N GLU A 365 33.97 -16.32 5.68
CA GLU A 365 34.51 -15.03 5.24
C GLU A 365 33.52 -13.90 5.55
N GLU A 366 32.24 -14.12 5.22
CA GLU A 366 31.20 -13.13 5.52
C GLU A 366 30.94 -12.99 7.03
N ALA A 367 31.12 -14.07 7.79
CA ALA A 367 31.05 -13.97 9.26
C ALA A 367 32.12 -13.04 9.84
N LEU A 368 33.33 -13.12 9.28
CA LEU A 368 34.44 -12.29 9.74
C LEU A 368 34.18 -10.81 9.48
N VAL A 369 33.77 -10.49 8.26
CA VAL A 369 33.52 -9.11 7.86
C VAL A 369 32.49 -8.48 8.78
N LEU A 370 31.37 -9.18 8.98
CA LEU A 370 30.28 -8.70 9.84
C LEU A 370 30.76 -8.46 11.27
N GLU A 371 31.68 -9.31 11.73
CA GLU A 371 32.28 -9.16 13.05
C GLU A 371 33.15 -7.91 13.16
N THR A 372 33.95 -7.62 12.14
CA THR A 372 34.81 -6.42 12.16
C THR A 372 33.96 -5.15 11.96
N LEU A 373 32.81 -5.29 11.29
CA LEU A 373 31.89 -4.17 11.13
C LEU A 373 31.10 -3.85 12.40
N GLY A 374 31.06 -4.79 13.33
CA GLY A 374 30.49 -4.53 14.66
C GLY A 374 29.23 -5.31 15.01
N ALA A 375 28.79 -6.19 14.11
CA ALA A 375 27.61 -7.01 14.37
C ALA A 375 27.96 -8.07 15.40
N ARG A 376 27.15 -8.16 16.45
CA ARG A 376 27.44 -9.03 17.58
C ARG A 376 26.92 -10.45 17.39
N PHE A 377 25.71 -10.56 16.82
CA PHE A 377 24.98 -11.84 16.75
C PHE A 377 24.80 -12.30 15.30
N GLY A 378 24.61 -13.61 15.13
CA GLY A 378 24.56 -14.22 13.79
C GLY A 378 23.52 -15.32 13.66
N GLN A 379 23.18 -15.61 12.41
CA GLN A 379 22.16 -16.60 12.06
C GLN A 379 22.41 -17.01 10.61
N GLY A 380 22.46 -18.30 10.35
CA GLY A 380 22.76 -18.78 9.00
C GLY A 380 23.15 -20.25 8.93
N TYR A 381 23.25 -20.77 7.70
CA TYR A 381 23.59 -22.17 7.48
C TYR A 381 25.02 -22.49 7.89
N LEU A 382 25.91 -21.50 7.84
CA LEU A 382 27.28 -21.67 8.33
C LEU A 382 27.27 -22.34 9.70
N PHE A 383 26.40 -21.85 10.58
CA PHE A 383 26.27 -22.38 11.92
C PHE A 383 25.30 -23.55 11.93
N SER A 384 24.07 -23.32 11.50
CA SER A 384 23.05 -24.36 11.50
C SER A 384 21.80 -23.94 10.75
N LYS A 385 21.29 -24.82 9.90
CA LYS A 385 19.97 -24.64 9.32
C LYS A 385 18.91 -24.89 10.41
N PRO A 386 17.68 -24.43 10.18
CA PRO A 386 16.63 -24.71 11.16
C PRO A 386 16.35 -26.20 11.27
N VAL A 387 16.09 -26.67 12.49
CA VAL A 387 15.89 -28.10 12.77
C VAL A 387 14.77 -28.33 13.76
N ASP A 388 14.35 -29.58 13.91
CA ASP A 388 13.32 -29.94 14.90
C ASP A 388 13.86 -29.82 16.33
N LEU A 389 12.93 -29.81 17.29
CA LEU A 389 13.25 -29.61 18.70
C LEU A 389 14.27 -30.62 19.22
N GLY A 390 14.12 -31.87 18.81
CA GLY A 390 15.04 -32.93 19.22
C GLY A 390 16.48 -32.60 18.87
N ARG A 391 16.72 -32.30 17.60
CA ARG A 391 18.06 -31.97 17.14
C ARG A 391 18.59 -30.69 17.78
N PHE A 392 17.69 -29.74 18.05
CA PHE A 392 18.07 -28.48 18.67
C PHE A 392 18.57 -28.70 20.09
N LEU A 393 17.87 -29.55 20.84
CA LEU A 393 18.26 -29.88 22.21
C LEU A 393 19.64 -30.55 22.25
N LYS A 394 19.97 -31.33 21.23
CA LYS A 394 21.30 -31.91 21.10
C LYS A 394 22.35 -30.85 20.80
N LEU A 395 22.03 -29.91 19.91
CA LEU A 395 22.94 -28.82 19.55
C LEU A 395 23.44 -28.02 20.76
N ILE A 396 22.57 -27.82 21.75
CA ILE A 396 22.92 -27.04 22.95
C ILE A 396 23.62 -27.87 24.04
N LYS A 397 24.36 -28.90 23.64
CA LYS A 397 25.20 -29.67 24.55
C LYS A 397 26.68 -29.66 24.14
N LEU A 398 27.06 -28.67 23.35
CA LEU A 398 28.44 -28.53 22.88
C LEU A 398 28.79 -27.08 22.56
N GLN B 2 -13.88 -27.71 -1.64
CA GLN B 2 -14.35 -28.98 -2.25
C GLN B 2 -15.86 -28.98 -2.47
N SER B 3 -16.27 -28.75 -3.72
CA SER B 3 -17.68 -28.62 -4.16
C SER B 3 -18.60 -29.77 -3.68
N VAL B 4 -19.91 -29.56 -3.80
CA VAL B 4 -20.90 -30.54 -3.35
C VAL B 4 -21.98 -30.77 -4.40
N ASP B 5 -22.38 -32.03 -4.57
CA ASP B 5 -23.47 -32.40 -5.47
C ASP B 5 -24.80 -32.40 -4.72
N ILE B 6 -25.83 -31.83 -5.33
CA ILE B 6 -27.20 -31.89 -4.81
C ILE B 6 -28.12 -32.39 -5.92
N HIS B 7 -29.07 -33.25 -5.56
CA HIS B 7 -30.01 -33.82 -6.54
C HIS B 7 -31.17 -32.89 -6.85
N LYS B 8 -31.85 -33.22 -7.95
CA LYS B 8 -33.06 -32.51 -8.39
C LYS B 8 -34.08 -32.34 -7.27
N ASP B 9 -34.82 -31.23 -7.33
CA ASP B 9 -35.91 -30.90 -6.40
C ASP B 9 -35.49 -30.57 -4.97
N GLN B 10 -34.18 -30.60 -4.69
CA GLN B 10 -33.69 -30.32 -3.35
C GLN B 10 -33.68 -28.81 -3.12
N ILE B 11 -34.36 -28.36 -2.08
CA ILE B 11 -34.26 -26.95 -1.68
C ILE B 11 -32.90 -26.76 -1.00
N ILE B 12 -32.08 -25.89 -1.57
CA ILE B 12 -30.77 -25.56 -0.99
C ILE B 12 -31.01 -24.77 0.29
N PHE B 13 -31.66 -23.62 0.18
CA PHE B 13 -32.19 -22.91 1.35
C PHE B 13 -33.50 -22.22 1.03
N SER B 14 -34.20 -21.76 2.07
CA SER B 14 -35.49 -21.08 1.92
C SER B 14 -35.39 -19.61 2.33
N GLU B 15 -36.31 -18.80 1.82
CA GLU B 15 -36.34 -17.38 2.16
C GLU B 15 -36.68 -17.20 3.64
N GLY B 16 -36.02 -16.26 4.30
CA GLY B 16 -36.19 -16.05 5.73
C GLY B 16 -35.18 -16.81 6.60
N ASP B 17 -34.40 -17.70 5.98
CA ASP B 17 -33.32 -18.39 6.70
C ASP B 17 -32.16 -17.43 6.95
N ALA B 18 -31.30 -17.80 7.89
CA ALA B 18 -30.08 -17.03 8.16
C ALA B 18 -29.04 -17.32 7.08
N GLY B 19 -28.19 -16.33 6.79
CA GLY B 19 -27.23 -16.41 5.69
C GLY B 19 -25.87 -16.93 6.10
N ASP B 20 -25.65 -18.22 5.88
CA ASP B 20 -24.36 -18.84 6.18
C ASP B 20 -23.31 -18.56 5.11
N CYS B 21 -23.58 -18.99 3.88
CA CYS B 21 -22.60 -18.87 2.79
C CYS B 21 -23.22 -18.86 1.39
N ALA B 22 -22.42 -18.44 0.41
CA ALA B 22 -22.83 -18.35 -0.99
C ALA B 22 -22.37 -19.56 -1.80
N TYR B 23 -22.80 -19.65 -3.06
CA TYR B 23 -22.49 -20.79 -3.91
C TYR B 23 -22.29 -20.36 -5.37
N ILE B 24 -21.32 -21.00 -6.04
CA ILE B 24 -21.12 -20.81 -7.47
C ILE B 24 -21.47 -22.12 -8.18
N ILE B 25 -22.30 -22.02 -9.23
CA ILE B 25 -22.82 -23.19 -9.91
C ILE B 25 -21.79 -23.71 -10.92
N GLU B 26 -21.39 -24.96 -10.75
CA GLU B 26 -20.43 -25.61 -11.67
C GLU B 26 -21.14 -26.49 -12.68
N LYS B 27 -22.06 -27.32 -12.20
CA LYS B 27 -22.91 -28.13 -13.08
C LYS B 27 -24.38 -27.88 -12.77
N GLY B 28 -25.22 -27.90 -13.80
CA GLY B 28 -26.68 -27.87 -13.63
C GLY B 28 -27.32 -26.48 -13.60
N ARG B 29 -28.57 -26.46 -13.12
CA ARG B 29 -29.37 -25.23 -13.05
C ARG B 29 -30.21 -25.18 -11.77
N VAL B 30 -30.50 -23.97 -11.30
CA VAL B 30 -31.32 -23.76 -10.11
C VAL B 30 -32.35 -22.67 -10.33
N LEU B 31 -33.39 -22.65 -9.49
CA LEU B 31 -34.46 -21.66 -9.60
C LEU B 31 -34.53 -20.75 -8.38
N ILE B 32 -34.59 -19.44 -8.62
CA ILE B 32 -34.79 -18.45 -7.56
C ILE B 32 -36.26 -18.07 -7.52
N TYR B 33 -36.91 -18.28 -6.37
CA TYR B 33 -38.35 -18.02 -6.25
C TYR B 33 -38.78 -17.49 -4.88
N LEU B 34 -39.87 -16.74 -4.87
CA LEU B 34 -40.55 -16.34 -3.64
C LEU B 34 -41.81 -17.18 -3.54
N THR B 35 -42.37 -17.27 -2.33
CA THR B 35 -43.65 -17.93 -2.13
C THR B 35 -44.60 -17.01 -1.36
N LYS B 36 -45.81 -16.88 -1.88
CA LYS B 36 -46.88 -16.13 -1.23
C LYS B 36 -48.01 -17.09 -0.94
N ASP B 37 -48.39 -17.19 0.33
CA ASP B 37 -49.46 -18.09 0.74
C ASP B 37 -49.17 -19.52 0.24
N LYS B 38 -49.85 -19.95 -0.83
CA LYS B 38 -49.61 -21.27 -1.42
C LYS B 38 -48.81 -21.17 -2.73
N GLU B 39 -48.93 -20.05 -3.43
CA GLU B 39 -48.39 -19.93 -4.78
C GLU B 39 -46.92 -19.49 -4.75
N GLU B 40 -46.09 -20.16 -5.55
CA GLU B 40 -44.67 -19.79 -5.68
C GLU B 40 -44.46 -18.97 -6.95
N ILE B 41 -43.58 -17.97 -6.86
CA ILE B 41 -43.35 -17.00 -7.95
C ILE B 41 -41.89 -17.05 -8.41
N PRO B 42 -41.64 -17.48 -9.66
CA PRO B 42 -40.28 -17.63 -10.14
C PRO B 42 -39.63 -16.30 -10.55
N LEU B 43 -38.55 -15.93 -9.88
CA LEU B 43 -37.80 -14.73 -10.23
C LEU B 43 -36.91 -15.00 -11.45
N THR B 44 -36.07 -16.04 -11.37
CA THR B 44 -35.26 -16.44 -12.50
C THR B 44 -34.71 -17.85 -12.36
N ILE B 45 -34.09 -18.33 -13.45
CA ILE B 45 -33.31 -19.57 -13.43
C ILE B 45 -31.84 -19.19 -13.54
N LEU B 46 -31.00 -19.87 -12.76
CA LEU B 46 -29.55 -19.64 -12.79
C LEU B 46 -28.81 -20.90 -13.24
N GLY B 47 -28.10 -20.79 -14.35
CA GLY B 47 -27.27 -21.87 -14.88
C GLY B 47 -25.82 -21.77 -14.43
N GLU B 48 -24.98 -22.65 -14.98
CA GLU B 48 -23.59 -22.77 -14.53
C GLU B 48 -22.79 -21.50 -14.78
N GLY B 49 -21.79 -21.28 -13.93
CA GLY B 49 -21.00 -20.05 -13.96
C GLY B 49 -21.54 -18.95 -13.06
N GLU B 50 -22.84 -18.99 -12.77
CA GLU B 50 -23.50 -17.95 -11.98
C GLU B 50 -23.40 -18.21 -10.49
N ILE B 51 -23.59 -17.15 -9.72
CA ILE B 51 -23.40 -17.16 -8.27
C ILE B 51 -24.71 -16.81 -7.57
N PHE B 52 -24.97 -17.43 -6.42
CA PHE B 52 -26.13 -17.07 -5.62
C PHE B 52 -25.89 -17.24 -4.13
N GLY B 53 -26.79 -16.69 -3.33
CA GLY B 53 -26.68 -16.72 -1.88
C GLY B 53 -25.75 -15.66 -1.32
N GLU B 54 -25.40 -14.68 -2.15
CA GLU B 54 -24.41 -13.66 -1.77
C GLU B 54 -25.00 -12.47 -1.01
N MET B 55 -26.25 -12.11 -1.32
CA MET B 55 -26.86 -10.91 -0.75
C MET B 55 -26.89 -10.93 0.77
N ALA B 56 -27.39 -12.02 1.33
CA ALA B 56 -27.54 -12.18 2.78
C ALA B 56 -26.25 -11.91 3.55
N LEU B 57 -25.13 -12.35 2.97
CA LEU B 57 -23.82 -12.26 3.63
C LEU B 57 -23.33 -10.82 3.77
N ILE B 58 -23.46 -10.04 2.70
CA ILE B 58 -22.86 -8.70 2.64
C ILE B 58 -23.44 -7.76 3.70
N ASP B 59 -24.77 -7.66 3.77
CA ASP B 59 -25.45 -6.75 4.71
C ASP B 59 -26.09 -7.48 5.89
N ASN B 60 -25.70 -8.73 6.11
CA ASN B 60 -26.09 -9.49 7.30
C ASN B 60 -27.60 -9.62 7.53
N GLN B 61 -28.37 -9.71 6.43
CA GLN B 61 -29.81 -9.90 6.52
C GLN B 61 -30.19 -11.29 6.04
N ASN B 62 -31.46 -11.66 6.19
CA ASN B 62 -31.91 -13.02 5.90
C ASN B 62 -31.94 -13.33 4.40
N ARG B 63 -32.30 -14.57 4.07
CA ARG B 63 -32.40 -14.98 2.67
C ARG B 63 -33.58 -14.30 2.00
N SER B 64 -33.30 -13.54 0.94
CA SER B 64 -34.32 -12.76 0.24
C SER B 64 -35.18 -13.59 -0.71
N ALA B 65 -34.83 -14.86 -0.91
CA ALA B 65 -35.60 -15.75 -1.77
C ALA B 65 -35.24 -17.21 -1.52
N SER B 66 -36.06 -18.12 -2.00
CA SER B 66 -35.79 -19.55 -1.89
C SER B 66 -35.02 -20.01 -3.12
N VAL B 67 -34.34 -21.14 -3.01
CA VAL B 67 -33.56 -21.70 -4.10
C VAL B 67 -33.77 -23.22 -4.15
N ARG B 68 -34.05 -23.75 -5.35
CA ARG B 68 -34.32 -25.17 -5.52
C ARG B 68 -33.67 -25.70 -6.80
N ALA B 69 -33.00 -26.85 -6.68
CA ALA B 69 -32.30 -27.47 -7.81
C ALA B 69 -33.29 -28.05 -8.81
N LEU B 70 -33.28 -27.53 -10.04
CA LEU B 70 -34.15 -28.03 -11.11
C LEU B 70 -33.63 -29.32 -11.74
N GLU B 71 -32.36 -29.64 -11.48
CA GLU B 71 -31.75 -30.88 -11.94
C GLU B 71 -30.57 -31.21 -11.03
N ASP B 72 -29.81 -32.24 -11.37
CA ASP B 72 -28.58 -32.55 -10.64
C ASP B 72 -27.60 -31.40 -10.80
N VAL B 73 -27.17 -30.80 -9.68
CA VAL B 73 -26.24 -29.67 -9.72
C VAL B 73 -25.04 -29.89 -8.80
N ARG B 74 -23.94 -29.22 -9.13
CA ARG B 74 -22.71 -29.23 -8.33
C ARG B 74 -22.32 -27.79 -7.98
N LEU B 75 -22.22 -27.50 -6.69
CA LEU B 75 -22.01 -26.14 -6.20
C LEU B 75 -20.67 -25.98 -5.47
N ALA B 76 -20.00 -24.87 -5.72
CA ALA B 76 -18.75 -24.53 -5.05
C ALA B 76 -19.01 -23.52 -3.94
N ILE B 77 -18.69 -23.87 -2.70
CA ILE B 77 -19.05 -23.05 -1.54
C ILE B 77 -18.14 -21.83 -1.39
N VAL B 78 -18.75 -20.68 -1.07
CA VAL B 78 -18.03 -19.44 -0.83
C VAL B 78 -18.43 -18.89 0.55
N THR B 79 -17.46 -18.67 1.42
CA THR B 79 -17.70 -18.37 2.83
C THR B 79 -18.11 -16.91 3.07
N LYS B 80 -18.84 -16.69 4.17
CA LYS B 80 -19.17 -15.36 4.66
C LYS B 80 -17.90 -14.53 4.85
N GLN B 81 -16.99 -15.06 5.66
CA GLN B 81 -15.70 -14.41 5.91
C GLN B 81 -15.02 -13.95 4.61
N GLN B 82 -15.08 -14.77 3.58
CA GLN B 82 -14.41 -14.49 2.31
C GLN B 82 -15.01 -13.30 1.56
N VAL B 83 -16.34 -13.16 1.55
CA VAL B 83 -16.97 -12.04 0.84
C VAL B 83 -16.75 -10.72 1.57
N LEU B 84 -16.95 -10.73 2.89
CA LEU B 84 -16.75 -9.52 3.70
C LEU B 84 -15.31 -9.02 3.58
N GLU B 85 -14.37 -9.94 3.68
CA GLU B 85 -12.96 -9.63 3.54
C GLU B 85 -12.64 -8.88 2.23
N ARG B 86 -13.31 -9.26 1.16
CA ARG B 86 -13.05 -8.68 -0.15
C ARG B 86 -13.80 -7.38 -0.41
N VAL B 87 -15.06 -7.30 0.03
CA VAL B 87 -15.85 -6.07 -0.15
C VAL B 87 -15.37 -4.95 0.77
N SER B 88 -15.04 -5.27 2.02
CA SER B 88 -14.57 -4.27 2.99
C SER B 88 -13.28 -3.60 2.54
N THR B 89 -12.42 -4.36 1.87
CA THR B 89 -11.14 -3.86 1.38
C THR B 89 -11.22 -3.32 -0.07
N ALA B 90 -12.43 -3.05 -0.55
CA ALA B 90 -12.65 -2.52 -1.90
C ALA B 90 -12.70 -1.01 -1.87
N ASP B 91 -12.61 -0.41 -3.07
CA ASP B 91 -12.65 1.05 -3.23
C ASP B 91 -13.90 1.63 -2.58
N LYS B 92 -13.81 2.89 -2.14
CA LYS B 92 -14.89 3.51 -1.34
C LYS B 92 -16.19 3.74 -2.11
N VAL B 93 -16.09 4.18 -3.37
CA VAL B 93 -17.29 4.42 -4.18
C VAL B 93 -17.83 3.11 -4.72
N VAL B 94 -16.92 2.19 -5.07
CA VAL B 94 -17.31 0.84 -5.48
C VAL B 94 -18.24 0.21 -4.45
N GLN B 95 -17.97 0.46 -3.17
CA GLN B 95 -18.82 -0.03 -2.08
C GLN B 95 -20.19 0.65 -2.04
N LEU B 96 -20.26 1.92 -2.43
CA LEU B 96 -21.56 2.61 -2.61
C LEU B 96 -22.37 1.97 -3.73
N LEU B 97 -21.76 1.87 -4.91
CA LEU B 97 -22.38 1.23 -6.06
C LEU B 97 -23.01 -0.11 -5.69
N MET B 98 -22.34 -0.87 -4.82
CA MET B 98 -22.86 -2.14 -4.33
C MET B 98 -24.13 -1.95 -3.50
N ARG B 99 -24.09 -1.02 -2.55
CA ARG B 99 -25.23 -0.80 -1.65
C ARG B 99 -26.49 -0.35 -2.37
N VAL B 100 -26.37 0.63 -3.27
CA VAL B 100 -27.53 1.08 -4.06
C VAL B 100 -28.15 -0.04 -4.90
N LEU B 101 -27.31 -0.83 -5.55
CA LEU B 101 -27.78 -1.94 -6.38
C LEU B 101 -28.50 -2.98 -5.52
N LEU B 102 -27.90 -3.33 -4.39
CA LEU B 102 -28.50 -4.26 -3.44
C LEU B 102 -29.87 -3.77 -3.00
N LYS B 103 -29.90 -2.52 -2.51
CA LYS B 103 -31.14 -1.94 -1.96
C LYS B 103 -32.20 -1.85 -3.04
N ARG B 104 -31.81 -1.47 -4.26
CA ARG B 104 -32.74 -1.37 -5.37
C ARG B 104 -33.26 -2.73 -5.82
N LEU B 105 -32.41 -3.76 -5.77
CA LEU B 105 -32.85 -5.10 -6.14
C LEU B 105 -33.79 -5.71 -5.10
N ARG B 106 -33.58 -5.37 -3.82
CA ARG B 106 -34.48 -5.78 -2.73
C ARG B 106 -35.77 -4.96 -2.76
N ARG B 107 -35.62 -3.63 -2.65
CA ARG B 107 -36.76 -2.72 -2.51
C ARG B 107 -37.74 -2.85 -3.68
N LYS B 108 -37.23 -3.22 -4.85
CA LYS B 108 -38.09 -3.39 -6.03
C LYS B 108 -38.66 -4.81 -6.15
N ASN B 109 -37.89 -5.85 -5.82
CA ASN B 109 -38.40 -7.24 -5.83
C ASN B 109 -39.63 -7.48 -4.93
N ILE B 110 -39.69 -6.74 -3.82
CA ILE B 110 -40.84 -6.81 -2.91
C ILE B 110 -41.92 -5.81 -3.39
N GLY B 111 -41.50 -4.63 -3.82
CA GLY B 111 -42.43 -3.62 -4.34
C GLY B 111 -43.01 -4.00 -5.68
N GLY B 132 -20.31 5.67 5.40
CA GLY B 132 -19.21 6.23 4.63
C GLY B 132 -19.67 6.61 3.23
N THR B 133 -20.68 7.47 3.17
CA THR B 133 -21.33 7.83 1.91
C THR B 133 -20.80 9.15 1.34
N GLN B 134 -20.84 10.21 2.14
CA GLN B 134 -20.69 11.57 1.64
C GLN B 134 -19.28 11.87 1.13
N SER B 135 -18.28 11.60 1.97
CA SER B 135 -16.88 11.84 1.61
C SER B 135 -16.44 10.99 0.41
N ALA B 136 -17.19 9.94 0.07
CA ALA B 136 -16.97 9.21 -1.17
C ALA B 136 -17.41 10.05 -2.37
N LEU B 137 -18.59 10.66 -2.28
CA LEU B 137 -19.09 11.51 -3.35
C LEU B 137 -18.19 12.73 -3.51
N ASP B 138 -17.70 13.26 -2.38
CA ASP B 138 -16.87 14.47 -2.37
C ASP B 138 -15.56 14.27 -3.12
N GLN B 139 -15.04 13.05 -3.09
CA GLN B 139 -13.85 12.69 -3.85
C GLN B 139 -14.06 12.83 -5.36
N ILE B 140 -15.22 12.36 -5.83
CA ILE B 140 -15.56 12.44 -7.25
C ILE B 140 -15.66 13.87 -7.70
N LYS B 141 -16.40 14.66 -6.92
CA LYS B 141 -16.62 16.07 -7.24
C LYS B 141 -15.30 16.84 -7.27
N LEU B 142 -14.38 16.48 -6.38
CA LEU B 142 -13.12 17.18 -6.25
C LEU B 142 -12.19 16.92 -7.43
N GLU B 143 -12.09 15.67 -7.88
CA GLU B 143 -11.32 15.33 -9.09
C GLU B 143 -11.72 16.18 -10.29
N ASN B 144 -13.03 16.32 -10.48
CA ASN B 144 -13.56 17.12 -11.57
C ASN B 144 -13.20 18.59 -11.40
N GLN B 145 -13.34 19.08 -10.17
CA GLN B 145 -12.97 20.45 -9.85
C GLN B 145 -11.50 20.72 -10.21
N ILE B 146 -10.64 19.77 -9.86
CA ILE B 146 -9.21 19.89 -10.10
C ILE B 146 -8.88 19.86 -11.58
N PHE B 147 -9.38 18.86 -12.30
CA PHE B 147 -9.11 18.72 -13.72
C PHE B 147 -9.68 19.88 -14.55
N GLN B 148 -10.83 20.39 -14.13
CA GLN B 148 -11.43 21.56 -14.77
C GLN B 148 -10.59 22.81 -14.51
N ALA B 149 -10.05 22.91 -13.30
CA ALA B 149 -9.15 24.00 -12.94
C ALA B 149 -7.89 24.00 -13.80
N PHE B 150 -7.34 22.81 -14.03
CA PHE B 150 -6.20 22.63 -14.92
C PHE B 150 -6.48 23.18 -16.31
N GLN B 151 -7.67 22.87 -16.84
CA GLN B 151 -8.07 23.23 -18.20
C GLN B 151 -8.29 24.72 -18.43
N ASN B 152 -8.66 25.47 -17.39
CA ASN B 152 -8.81 26.93 -17.54
C ASN B 152 -7.55 27.70 -17.09
N LYS B 153 -6.41 27.03 -17.11
CA LYS B 153 -5.09 27.61 -16.82
C LYS B 153 -4.97 28.22 -15.42
N GLU B 154 -5.51 27.53 -14.41
CA GLU B 154 -5.37 27.97 -13.02
C GLU B 154 -4.12 27.40 -12.33
N PHE B 155 -3.30 26.65 -13.07
CA PHE B 155 -2.07 26.08 -12.53
C PHE B 155 -0.83 26.88 -12.95
N GLU B 156 0.20 26.83 -12.11
CA GLU B 156 1.41 27.61 -12.30
C GLU B 156 2.56 26.97 -11.53
N LEU B 157 3.78 27.09 -12.07
CA LEU B 157 4.98 26.60 -11.37
C LEU B 157 5.70 27.74 -10.65
N PHE B 158 5.98 27.53 -9.38
CA PHE B 158 6.86 28.41 -8.61
C PHE B 158 8.20 27.68 -8.48
N TYR B 159 9.26 28.40 -8.17
CA TYR B 159 10.59 27.82 -8.10
C TYR B 159 11.27 28.21 -6.79
N GLN B 160 11.88 27.23 -6.11
CA GLN B 160 12.61 27.49 -4.87
C GLN B 160 14.11 27.28 -5.07
N PRO B 161 14.92 28.31 -4.79
CA PRO B 161 16.37 28.22 -4.89
C PRO B 161 16.98 27.06 -4.09
N ILE B 162 17.87 26.32 -4.73
CA ILE B 162 18.78 25.40 -4.05
C ILE B 162 20.15 26.09 -4.00
N VAL B 163 20.74 26.12 -2.82
CA VAL B 163 21.91 26.95 -2.56
C VAL B 163 23.09 26.14 -2.03
N ASN B 164 24.30 26.54 -2.44
CA ASN B 164 25.54 25.98 -1.89
C ASN B 164 25.76 26.51 -0.48
N LEU B 165 25.75 25.62 0.51
CA LEU B 165 25.80 26.03 1.92
C LEU B 165 27.06 26.81 2.31
N LYS B 166 28.18 26.54 1.65
CA LYS B 166 29.45 27.18 1.99
C LYS B 166 29.39 28.68 1.68
N ASN B 167 29.15 29.00 0.41
CA ASN B 167 29.18 30.39 -0.07
C ASN B 167 27.81 31.08 -0.18
N LYS B 168 26.73 30.37 0.15
CA LYS B 168 25.36 30.90 0.05
C LYS B 168 24.92 31.28 -1.38
N THR B 169 25.57 30.68 -2.40
CA THR B 169 25.26 31.00 -3.80
C THR B 169 24.21 30.05 -4.39
N ILE B 170 23.26 30.62 -5.13
CA ILE B 170 22.20 29.83 -5.78
C ILE B 170 22.78 29.03 -6.93
N THR B 171 22.55 27.71 -6.90
CA THR B 171 23.10 26.78 -7.90
C THR B 171 22.04 26.08 -8.75
N GLY B 172 20.75 26.35 -8.48
CA GLY B 172 19.65 25.66 -9.14
C GLY B 172 18.34 25.95 -8.45
N CYS B 173 17.27 25.24 -8.83
CA CYS B 173 15.96 25.42 -8.20
C CYS B 173 15.06 24.19 -8.36
N GLU B 174 14.15 24.00 -7.40
CA GLU B 174 13.12 22.96 -7.52
C GLU B 174 11.83 23.58 -8.04
N ALA B 175 11.19 22.92 -9.00
CA ALA B 175 9.91 23.35 -9.53
C ALA B 175 8.77 22.79 -8.67
N LEU B 176 7.86 23.66 -8.25
CA LEU B 176 6.74 23.26 -7.39
C LEU B 176 5.41 23.77 -7.95
N LEU B 177 4.41 22.89 -7.96
CA LEU B 177 3.12 23.19 -8.57
C LEU B 177 2.27 24.05 -7.65
N ARG B 178 1.46 24.92 -8.24
CA ARG B 178 0.56 25.81 -7.50
C ARG B 178 -0.77 25.96 -8.21
N TRP B 179 -1.85 25.99 -7.43
CA TRP B 179 -3.18 26.26 -7.93
C TRP B 179 -3.61 27.64 -7.43
N ASN B 180 -3.74 28.60 -8.34
CA ASN B 180 -4.21 29.95 -7.98
C ASN B 180 -5.67 30.11 -8.41
N SER B 181 -6.57 29.54 -7.60
CA SER B 181 -7.99 29.53 -7.94
C SER B 181 -8.54 30.95 -7.78
N PRO B 182 -9.47 31.35 -8.66
CA PRO B 182 -10.04 32.68 -8.53
C PRO B 182 -10.86 32.90 -7.26
N GLN B 183 -11.39 31.82 -6.68
CA GLN B 183 -12.19 31.94 -5.45
C GLN B 183 -11.42 31.44 -4.21
N HIS B 184 -10.78 30.28 -4.32
CA HIS B 184 -9.96 29.74 -3.23
C HIS B 184 -8.66 30.52 -3.01
N GLY B 185 -8.08 31.03 -4.10
CA GLY B 185 -6.81 31.76 -4.04
C GLY B 185 -5.64 30.84 -4.31
N LEU B 186 -4.44 31.29 -3.96
CA LEU B 186 -3.24 30.47 -4.13
C LEU B 186 -3.20 29.30 -3.16
N VAL B 187 -3.85 28.20 -3.54
CA VAL B 187 -3.86 26.98 -2.72
C VAL B 187 -2.63 26.11 -3.03
N SER B 188 -2.18 25.35 -2.03
CA SER B 188 -0.91 24.63 -2.09
C SER B 188 -1.11 23.15 -2.47
N PRO B 189 -0.12 22.54 -3.16
CA PRO B 189 -0.24 21.22 -3.83
C PRO B 189 -0.64 19.99 -3.01
N ASN B 190 -0.54 20.01 -1.67
CA ASN B 190 -0.81 18.78 -0.91
C ASN B 190 -2.30 18.38 -0.95
N LEU B 191 -3.17 19.40 -0.98
CA LEU B 191 -4.62 19.20 -1.06
C LEU B 191 -5.07 18.58 -2.39
N PHE B 192 -4.24 18.66 -3.43
CA PHE B 192 -4.61 18.16 -4.76
C PHE B 192 -3.56 17.33 -5.52
N ILE B 193 -2.36 17.16 -4.98
CA ILE B 193 -1.32 16.40 -5.68
C ILE B 193 -1.59 14.90 -5.56
N ASP B 194 -2.01 14.46 -4.39
CA ASP B 194 -2.36 13.05 -4.18
C ASP B 194 -3.43 12.64 -5.20
N ILE B 195 -4.49 13.44 -5.27
CA ILE B 195 -5.58 13.24 -6.22
C ILE B 195 -5.02 13.15 -7.64
N ILE B 196 -4.28 14.17 -8.05
CA ILE B 196 -3.66 14.19 -9.36
C ILE B 196 -2.85 12.91 -9.59
N GLU B 197 -1.96 12.59 -8.63
CA GLU B 197 -1.04 11.46 -8.77
C GLU B 197 -1.70 10.08 -8.86
N ASN B 198 -2.85 9.91 -8.21
CA ASN B 198 -3.58 8.63 -8.23
C ASN B 198 -4.83 8.68 -9.12
N SER B 199 -4.69 9.25 -10.31
CA SER B 199 -5.81 9.49 -11.20
C SER B 199 -5.27 9.51 -12.62
N SER B 200 -6.11 9.29 -13.61
CA SER B 200 -5.72 9.31 -15.03
C SER B 200 -5.24 10.68 -15.54
N MET B 201 -5.41 11.74 -14.74
CA MET B 201 -4.98 13.08 -15.14
C MET B 201 -3.47 13.37 -14.92
N VAL B 202 -2.74 12.43 -14.31
CA VAL B 202 -1.27 12.54 -14.19
C VAL B 202 -0.53 12.81 -15.51
N ILE B 203 -0.81 12.02 -16.55
CA ILE B 203 -0.02 12.07 -17.78
C ILE B 203 -0.16 13.40 -18.56
N PRO B 204 -1.39 13.90 -18.72
CA PRO B 204 -1.47 15.22 -19.38
C PRO B 204 -0.92 16.37 -18.54
N ILE B 205 -1.17 16.34 -17.24
CA ILE B 205 -0.69 17.38 -16.33
C ILE B 205 0.83 17.27 -16.15
N GLY B 206 1.31 16.06 -15.92
CA GLY B 206 2.73 15.79 -15.85
C GLY B 206 3.47 16.29 -17.08
N HIS B 207 2.91 16.04 -18.25
CA HIS B 207 3.49 16.56 -19.49
C HIS B 207 3.59 18.08 -19.49
N TRP B 208 2.53 18.75 -19.04
CA TRP B 208 2.52 20.21 -18.98
C TRP B 208 3.58 20.75 -18.03
N ILE B 209 3.76 20.06 -16.89
CA ILE B 209 4.73 20.49 -15.89
C ILE B 209 6.15 20.46 -16.45
N ILE B 210 6.54 19.30 -16.98
CA ILE B 210 7.88 19.11 -17.55
C ILE B 210 8.17 20.17 -18.62
N ASN B 211 7.21 20.38 -19.51
CA ASN B 211 7.33 21.40 -20.54
C ASN B 211 7.56 22.79 -19.97
N GLN B 212 6.73 23.16 -18.99
CA GLN B 212 6.80 24.48 -18.38
C GLN B 212 8.13 24.72 -17.67
N ALA B 213 8.58 23.71 -16.91
CA ALA B 213 9.86 23.80 -16.20
C ALA B 213 11.03 23.92 -17.16
N LEU B 214 10.99 23.18 -18.27
CA LEU B 214 12.06 23.23 -19.25
C LEU B 214 12.07 24.56 -20.01
N LYS B 215 10.89 25.08 -20.30
CA LYS B 215 10.74 26.40 -20.91
C LYS B 215 11.41 27.45 -20.04
N ASP B 216 11.07 27.47 -18.75
CA ASP B 216 11.60 28.47 -17.84
C ASP B 216 13.07 28.26 -17.49
N LEU B 217 13.57 27.03 -17.67
CA LEU B 217 15.00 26.75 -17.49
C LEU B 217 15.81 27.47 -18.56
N ARG B 218 15.38 27.33 -19.82
CA ARG B 218 16.02 28.01 -20.94
C ARG B 218 16.10 29.51 -20.67
N THR B 219 14.99 30.07 -20.18
CA THR B 219 14.92 31.48 -19.81
C THR B 219 15.93 31.80 -18.72
N ILE B 220 15.95 31.01 -17.65
CA ILE B 220 16.89 31.23 -16.55
C ILE B 220 18.33 31.25 -17.05
N GLN B 221 18.69 30.28 -17.89
CA GLN B 221 20.03 30.19 -18.44
C GLN B 221 20.36 31.40 -19.32
N ASP B 222 19.43 31.74 -20.23
CA ASP B 222 19.61 32.88 -21.14
C ASP B 222 19.93 34.17 -20.38
N GLN B 223 19.14 34.47 -19.36
CA GLN B 223 19.35 35.68 -18.56
C GLN B 223 20.71 35.65 -17.85
N LEU B 224 21.12 34.48 -17.35
CA LEU B 224 22.42 34.35 -16.67
C LEU B 224 23.58 34.66 -17.60
N ARG B 225 23.53 34.12 -18.82
CA ARG B 225 24.57 34.34 -19.82
C ARG B 225 24.65 35.81 -20.22
N LEU B 226 23.49 36.42 -20.48
CA LEU B 226 23.40 37.83 -20.87
C LEU B 226 23.96 38.79 -19.80
N ASN B 227 24.14 38.30 -18.57
CA ASN B 227 24.81 39.05 -17.51
C ASN B 227 26.22 38.53 -17.19
N LYS B 228 26.84 37.87 -18.17
CA LYS B 228 28.20 37.35 -18.05
C LYS B 228 28.39 36.38 -16.88
N LYS B 229 27.46 35.43 -16.74
CA LYS B 229 27.55 34.39 -15.72
C LYS B 229 27.48 33.01 -16.40
N GLU B 230 28.47 32.78 -17.27
CA GLU B 230 28.53 31.57 -18.08
C GLU B 230 28.71 30.29 -17.26
N ARG B 231 29.47 30.38 -16.18
CA ARG B 231 29.78 29.21 -15.36
C ARG B 231 28.54 28.81 -14.56
N MET B 232 27.88 29.80 -13.97
CA MET B 232 26.64 29.56 -13.23
C MET B 232 25.54 29.01 -14.14
N ALA B 233 25.51 29.47 -15.38
CA ALA B 233 24.53 28.98 -16.37
C ALA B 233 24.82 27.54 -16.79
N ASP B 234 26.10 27.21 -16.96
CA ASP B 234 26.51 25.84 -17.33
C ASP B 234 26.25 24.80 -16.23
N ASP B 235 26.26 25.24 -14.98
CA ASP B 235 26.10 24.32 -13.83
C ASP B 235 24.70 24.35 -13.19
N PHE B 236 23.76 25.07 -13.79
CA PHE B 236 22.44 25.27 -13.20
C PHE B 236 21.59 23.99 -13.29
N MET B 237 20.92 23.65 -12.18
CA MET B 237 20.06 22.48 -12.12
C MET B 237 18.59 22.87 -12.00
N MET B 238 17.75 22.27 -12.83
CA MET B 238 16.30 22.39 -12.70
C MET B 238 15.76 21.05 -12.17
N SER B 239 15.28 21.06 -10.93
CA SER B 239 14.68 19.87 -10.32
C SER B 239 13.19 19.77 -10.66
N ILE B 240 12.77 18.63 -11.20
CA ILE B 240 11.36 18.39 -11.54
C ILE B 240 10.86 17.17 -10.78
N ASN B 241 9.72 17.31 -10.10
CA ASN B 241 9.12 16.22 -9.35
C ASN B 241 8.30 15.30 -10.25
N ILE B 242 8.83 14.13 -10.54
CA ILE B 242 8.16 13.16 -11.42
C ILE B 242 7.47 12.07 -10.57
N SER B 243 6.15 11.94 -10.72
CA SER B 243 5.38 10.96 -9.95
C SER B 243 5.57 9.53 -10.47
N GLY B 244 5.14 8.57 -9.65
CA GLY B 244 5.34 7.15 -9.94
C GLY B 244 4.62 6.66 -11.18
N ARG B 245 3.35 7.02 -11.32
CA ARG B 245 2.54 6.59 -12.47
C ARG B 245 3.06 7.18 -13.79
N GLN B 246 3.46 8.45 -13.78
CA GLN B 246 3.95 9.10 -15.00
C GLN B 246 5.35 8.64 -15.41
N PHE B 247 6.10 8.13 -14.44
CA PHE B 247 7.44 7.60 -14.72
C PHE B 247 7.35 6.21 -15.32
N THR B 248 6.56 5.35 -14.70
CA THR B 248 6.41 3.95 -15.13
C THR B 248 5.61 3.80 -16.42
N HIS B 249 4.92 4.86 -16.83
CA HIS B 249 4.28 4.93 -18.15
C HIS B 249 5.36 4.86 -19.22
N SER B 250 5.07 4.14 -20.30
CA SER B 250 5.98 4.06 -21.45
C SER B 250 5.97 5.39 -22.20
N ASP B 251 6.90 5.56 -23.13
CA ASP B 251 7.07 6.84 -23.86
C ASP B 251 7.58 7.98 -22.96
N PHE B 252 7.87 7.70 -21.69
CA PHE B 252 8.27 8.74 -20.76
C PHE B 252 9.59 9.38 -21.21
N VAL B 253 10.61 8.56 -21.39
CA VAL B 253 11.91 9.05 -21.86
C VAL B 253 11.79 9.63 -23.28
N ASN B 254 10.95 9.02 -24.10
CA ASN B 254 10.72 9.50 -25.46
C ASN B 254 10.15 10.91 -25.46
N ASN B 255 9.07 11.12 -24.71
CA ASN B 255 8.45 12.43 -24.59
C ASN B 255 9.40 13.42 -23.94
N LEU B 256 10.01 13.01 -22.83
CA LEU B 256 10.99 13.85 -22.15
C LEU B 256 12.08 14.33 -23.10
N GLU B 257 12.55 13.45 -23.98
CA GLU B 257 13.65 13.76 -24.89
C GLU B 257 13.28 14.78 -25.97
N ASP B 258 12.14 14.61 -26.62
CA ASP B 258 11.66 15.59 -27.60
C ASP B 258 11.46 16.96 -26.95
N LEU B 259 10.93 16.97 -25.74
CA LEU B 259 10.74 18.20 -24.98
C LEU B 259 12.07 18.93 -24.70
N ARG B 260 13.12 18.18 -24.39
CA ARG B 260 14.45 18.76 -24.19
C ARG B 260 15.00 19.30 -25.51
N GLU B 261 14.77 18.55 -26.58
CA GLU B 261 15.16 18.98 -27.93
C GLU B 261 14.37 20.22 -28.37
N LYS B 262 13.08 20.24 -28.06
CA LYS B 262 12.21 21.36 -28.40
C LYS B 262 12.71 22.67 -27.82
N HIS B 263 13.22 22.63 -26.59
CA HIS B 263 13.71 23.83 -25.91
C HIS B 263 15.22 24.02 -26.00
N ASP B 264 15.90 23.13 -26.71
CA ASP B 264 17.35 23.23 -26.92
C ASP B 264 18.10 23.29 -25.58
N LEU B 265 18.05 22.17 -24.85
CA LEU B 265 18.65 22.07 -23.52
C LEU B 265 19.57 20.85 -23.43
N HIS B 266 20.50 20.92 -22.48
CA HIS B 266 21.41 19.81 -22.23
C HIS B 266 20.94 19.00 -21.02
N THR B 267 21.18 17.68 -21.07
CA THR B 267 20.67 16.76 -20.05
C THR B 267 21.26 17.01 -18.66
N GLN B 268 22.52 17.43 -18.60
CA GLN B 268 23.20 17.67 -17.32
C GLN B 268 22.57 18.78 -16.48
N ASN B 269 21.79 19.67 -17.12
CA ASN B 269 21.08 20.74 -16.41
C ASN B 269 19.67 20.33 -15.92
N ILE B 270 19.20 19.15 -16.31
CA ILE B 270 17.88 18.66 -15.94
C ILE B 270 17.99 17.50 -14.95
N LYS B 271 17.37 17.67 -13.78
CA LYS B 271 17.43 16.67 -12.71
C LYS B 271 16.03 16.13 -12.39
N LEU B 272 15.85 14.81 -12.52
CA LEU B 272 14.57 14.16 -12.24
C LEU B 272 14.48 13.74 -10.79
N GLU B 273 13.37 14.06 -10.14
CA GLU B 273 13.23 13.85 -8.70
C GLU B 273 12.06 12.91 -8.38
N MET B 274 12.38 11.67 -8.02
CA MET B 274 11.38 10.67 -7.64
C MET B 274 11.35 10.45 -6.14
N THR B 275 10.25 9.86 -5.68
CA THR B 275 10.17 9.32 -4.34
C THR B 275 10.70 7.86 -4.36
N GLU B 276 10.98 7.31 -3.19
CA GLU B 276 11.46 5.91 -3.10
C GLU B 276 10.43 4.92 -3.67
N ARG B 277 9.15 5.16 -3.40
CA ARG B 277 8.05 4.30 -3.87
C ARG B 277 8.18 3.76 -5.30
N ILE B 278 8.83 4.51 -6.18
CA ILE B 278 8.96 4.12 -7.59
C ILE B 278 9.56 2.72 -7.80
N MET B 279 10.39 2.28 -6.85
CA MET B 279 11.13 1.02 -6.97
C MET B 279 10.44 -0.19 -6.34
N MET B 280 9.27 -0.02 -5.74
CA MET B 280 8.44 -1.17 -5.36
C MET B 280 8.04 -1.95 -6.61
N ASP B 281 8.04 -1.28 -7.76
CA ASP B 281 7.85 -1.91 -9.07
C ASP B 281 9.03 -2.80 -9.42
N GLY B 282 10.22 -2.22 -9.55
CA GLY B 282 11.43 -2.99 -9.87
C GLY B 282 11.76 -2.95 -11.36
N ALA B 283 11.59 -4.11 -12.02
CA ALA B 283 12.00 -4.32 -13.42
C ALA B 283 11.62 -3.18 -14.38
N ILE B 284 10.36 -2.78 -14.35
CA ILE B 284 9.84 -1.76 -15.27
C ILE B 284 10.50 -0.38 -15.01
N ALA B 285 10.93 -0.15 -13.77
CA ALA B 285 11.60 1.09 -13.39
C ALA B 285 13.11 1.05 -13.65
N ILE B 286 13.78 0.03 -13.15
CA ILE B 286 15.26 -0.06 -13.18
C ILE B 286 15.87 0.38 -14.52
N ASP B 287 15.33 -0.08 -15.64
CA ASP B 287 15.87 0.23 -16.97
C ASP B 287 15.62 1.69 -17.36
N ALA B 288 14.43 2.20 -17.05
CA ALA B 288 14.08 3.59 -17.31
C ALA B 288 14.98 4.56 -16.53
N LEU B 289 15.38 4.16 -15.31
CA LEU B 289 16.39 4.89 -14.55
C LEU B 289 17.72 4.87 -15.30
N ASN B 290 18.12 3.67 -15.73
CA ASN B 290 19.37 3.50 -16.48
C ASN B 290 19.39 4.21 -17.83
N GLN B 291 18.24 4.30 -18.48
CA GLN B 291 18.11 5.08 -19.71
C GLN B 291 18.41 6.54 -19.43
N CYS B 292 17.69 7.11 -18.46
CA CYS B 292 17.91 8.49 -18.04
C CYS B 292 19.35 8.74 -17.58
N ARG B 293 19.92 7.75 -16.91
CA ARG B 293 21.30 7.83 -16.43
C ARG B 293 22.30 7.77 -17.57
N SER B 294 22.03 6.93 -18.57
CA SER B 294 22.90 6.82 -19.74
C SER B 294 22.78 8.05 -20.64
N LEU B 295 21.58 8.63 -20.71
CA LEU B 295 21.36 9.85 -21.48
C LEU B 295 21.99 11.10 -20.83
N GLY B 296 22.22 11.04 -19.51
CA GLY B 296 22.90 12.12 -18.79
C GLY B 296 22.03 12.93 -17.83
N TYR B 297 20.82 12.47 -17.56
CA TYR B 297 19.95 13.12 -16.57
C TYR B 297 20.39 12.74 -15.16
N ALA B 298 20.32 13.70 -14.25
CA ALA B 298 20.59 13.43 -12.84
C ALA B 298 19.32 12.88 -12.18
N ILE B 299 19.47 11.82 -11.38
CA ILE B 299 18.34 11.22 -10.66
C ILE B 299 18.50 11.53 -9.18
N SER B 300 17.49 12.17 -8.61
CA SER B 300 17.48 12.55 -7.19
C SER B 300 16.37 11.80 -6.47
N ILE B 301 16.64 11.34 -5.25
CA ILE B 301 15.65 10.61 -4.44
C ILE B 301 15.14 11.51 -3.32
N ASP B 302 13.84 11.81 -3.37
CA ASP B 302 13.20 12.74 -2.44
C ASP B 302 12.46 11.97 -1.38
N ASP B 303 12.29 12.58 -0.21
CA ASP B 303 11.57 11.97 0.91
C ASP B 303 12.20 10.62 1.28
N PHE B 304 13.52 10.63 1.48
CA PHE B 304 14.28 9.42 1.78
C PHE B 304 14.13 9.03 3.24
N GLY B 305 13.94 7.74 3.49
CA GLY B 305 13.71 7.22 4.84
C GLY B 305 12.31 7.48 5.36
N THR B 306 11.37 7.72 4.43
CA THR B 306 9.98 8.05 4.74
C THR B 306 9.08 7.56 3.61
N GLY B 307 8.48 6.38 3.79
CA GLY B 307 7.66 5.74 2.74
C GLY B 307 8.09 4.31 2.51
N PHE B 308 8.60 4.02 1.32
CA PHE B 308 9.13 2.68 1.01
C PHE B 308 10.64 2.65 1.25
N SER B 309 11.11 1.65 2.00
CA SER B 309 12.51 1.56 2.44
C SER B 309 13.46 1.68 1.28
N GLY B 310 14.45 2.56 1.44
CA GLY B 310 15.38 2.83 0.36
C GLY B 310 16.72 2.16 0.50
N LEU B 311 17.01 1.58 1.65
CA LEU B 311 18.38 1.11 1.89
C LEU B 311 18.82 0.16 0.79
N GLN B 312 17.97 -0.79 0.45
CA GLN B 312 18.25 -1.75 -0.60
C GLN B 312 18.11 -1.13 -1.99
N TYR B 313 17.38 -0.01 -2.07
CA TYR B 313 17.27 0.78 -3.31
C TYR B 313 18.54 1.52 -3.73
N LEU B 314 19.44 1.73 -2.78
CA LEU B 314 20.71 2.40 -3.05
C LEU B 314 21.72 1.43 -3.64
N THR B 315 21.51 0.15 -3.38
CA THR B 315 22.34 -0.89 -3.96
C THR B 315 22.06 -1.09 -5.44
N GLN B 316 20.79 -0.95 -5.84
CA GLN B 316 20.32 -1.26 -7.19
C GLN B 316 20.39 -0.07 -8.15
N MET B 317 20.06 1.11 -7.65
CA MET B 317 19.88 2.29 -8.51
C MET B 317 21.12 3.16 -8.67
N PRO B 318 21.29 3.78 -9.86
CA PRO B 318 22.28 4.81 -10.10
C PRO B 318 21.71 6.19 -9.76
N ILE B 319 21.98 6.63 -8.54
CA ILE B 319 21.43 7.89 -8.03
C ILE B 319 22.52 8.96 -8.04
N SER B 320 22.13 10.22 -8.24
CA SER B 320 23.07 11.35 -8.22
C SER B 320 22.97 12.10 -6.91
N PHE B 321 21.75 12.42 -6.50
CA PHE B 321 21.50 13.19 -5.29
C PHE B 321 20.48 12.48 -4.41
N LEU B 322 20.47 12.84 -3.13
CA LEU B 322 19.47 12.33 -2.21
C LEU B 322 19.11 13.42 -1.19
N LYS B 323 17.81 13.65 -0.98
CA LYS B 323 17.34 14.75 -0.12
C LYS B 323 17.01 14.30 1.29
N ILE B 324 17.63 14.96 2.29
CA ILE B 324 17.21 14.80 3.68
C ILE B 324 15.95 15.61 3.87
N ASP B 325 14.85 14.92 4.17
CA ASP B 325 13.53 15.54 4.18
C ASP B 325 13.36 16.55 5.31
N ARG B 326 12.41 17.48 5.13
CA ARG B 326 12.02 18.46 6.16
C ARG B 326 11.85 17.83 7.55
N SER B 327 11.13 16.71 7.58
CA SER B 327 10.77 16.03 8.83
C SER B 327 11.96 15.77 9.76
N PHE B 328 13.10 15.41 9.18
CA PHE B 328 14.32 15.20 9.97
C PHE B 328 14.93 16.52 10.41
N VAL B 329 15.08 17.44 9.45
CA VAL B 329 15.81 18.69 9.66
C VAL B 329 15.19 19.57 10.74
N MET B 330 13.86 19.62 10.79
CA MET B 330 13.17 20.46 11.77
C MET B 330 13.36 19.97 13.22
N LYS B 331 13.66 18.68 13.41
CA LYS B 331 13.94 18.15 14.75
C LYS B 331 15.43 17.90 15.00
N ILE B 332 16.30 18.42 14.14
CA ILE B 332 17.73 18.11 14.23
C ILE B 332 18.39 18.68 15.50
N LEU B 333 17.93 19.86 15.94
CA LEU B 333 18.38 20.44 17.21
C LEU B 333 17.49 19.97 18.35
N SER B 334 16.21 19.72 18.05
CA SER B 334 15.23 19.32 19.05
C SER B 334 15.68 18.10 19.86
N ASP B 335 15.82 16.96 19.19
CA ASP B 335 16.32 15.75 19.84
C ASP B 335 17.54 15.19 19.09
N PRO B 336 18.48 14.59 19.84
CA PRO B 336 19.72 14.09 19.24
C PRO B 336 19.55 12.78 18.44
N LYS B 337 18.43 12.09 18.63
CA LYS B 337 18.17 10.86 17.90
C LYS B 337 18.10 11.09 16.39
N SER B 338 17.30 12.07 15.97
CA SER B 338 17.15 12.40 14.54
C SER B 338 18.39 13.08 13.96
N LYS B 339 19.22 13.68 14.82
CA LYS B 339 20.51 14.21 14.39
C LYS B 339 21.45 13.07 13.99
N ALA B 340 21.44 11.99 14.78
CA ALA B 340 22.24 10.80 14.49
C ALA B 340 21.86 10.20 13.15
N VAL B 341 20.55 10.12 12.89
CA VAL B 341 20.05 9.59 11.64
C VAL B 341 20.52 10.43 10.45
N VAL B 342 20.47 11.75 10.60
CA VAL B 342 20.89 12.67 9.54
C VAL B 342 22.39 12.52 9.27
N SER B 343 23.18 12.42 10.33
CA SER B 343 24.60 12.18 10.20
C SER B 343 24.85 10.91 9.42
N SER B 344 24.10 9.87 9.77
CA SER B 344 24.24 8.55 9.15
C SER B 344 23.91 8.61 7.68
N ILE B 345 22.77 9.22 7.34
CA ILE B 345 22.35 9.37 5.95
C ILE B 345 23.41 10.08 5.12
N ILE B 346 23.95 11.18 5.65
CA ILE B 346 24.93 12.00 4.93
C ILE B 346 26.20 11.21 4.63
N HIS B 347 26.72 10.50 5.63
CA HIS B 347 27.95 9.73 5.47
C HIS B 347 27.74 8.54 4.55
N LEU B 348 26.60 7.88 4.69
CA LEU B 348 26.25 6.77 3.81
C LEU B 348 26.24 7.26 2.37
N ALA B 349 25.53 8.37 2.13
CA ALA B 349 25.45 8.99 0.81
C ALA B 349 26.84 9.24 0.20
N HIS B 350 27.73 9.82 1.00
CA HIS B 350 29.11 10.04 0.54
C HIS B 350 29.78 8.71 0.18
N ALA B 351 29.70 7.72 1.06
CA ALA B 351 30.24 6.39 0.81
C ALA B 351 29.71 5.76 -0.49
N MET B 352 28.44 6.01 -0.80
CA MET B 352 27.84 5.55 -2.06
C MET B 352 28.21 6.44 -3.26
N ASP B 353 28.98 7.50 -3.01
CA ASP B 353 29.32 8.50 -4.02
C ASP B 353 28.13 9.38 -4.42
N ILE B 354 27.13 9.46 -3.54
CA ILE B 354 25.94 10.28 -3.76
C ILE B 354 26.15 11.61 -3.05
N GLU B 355 25.55 12.67 -3.59
CA GLU B 355 25.61 13.99 -2.96
C GLU B 355 24.25 14.34 -2.36
N VAL B 356 24.23 15.33 -1.48
CA VAL B 356 23.11 15.56 -0.58
C VAL B 356 22.56 16.98 -0.64
N ILE B 357 21.24 17.11 -0.55
CA ILE B 357 20.58 18.40 -0.42
C ILE B 357 19.69 18.37 0.83
N ALA B 358 20.00 19.22 1.81
CA ALA B 358 19.18 19.32 3.00
C ALA B 358 17.98 20.22 2.75
N GLU B 359 16.83 19.79 3.25
CA GLU B 359 15.55 20.39 2.90
C GLU B 359 14.88 20.97 4.15
N GLY B 360 14.20 22.10 3.99
CA GLY B 360 13.45 22.72 5.09
C GLY B 360 14.28 23.46 6.13
N ILE B 361 15.37 24.09 5.70
CA ILE B 361 16.21 24.88 6.60
C ILE B 361 15.55 26.25 6.86
N GLU B 362 15.22 26.51 8.12
CA GLU B 362 14.58 27.79 8.50
C GLU B 362 15.43 28.71 9.37
N HIS B 363 16.48 28.18 9.99
CA HIS B 363 17.32 28.96 10.90
C HIS B 363 18.80 28.77 10.58
N HIS B 364 19.60 29.80 10.87
CA HIS B 364 21.04 29.77 10.63
C HIS B 364 21.72 28.65 11.42
N GLU B 365 21.18 28.32 12.59
CA GLU B 365 21.77 27.32 13.47
C GLU B 365 21.74 25.94 12.83
N GLU B 366 20.59 25.56 12.28
CA GLU B 366 20.45 24.30 11.58
C GLU B 366 21.32 24.22 10.33
N ALA B 367 21.47 25.35 9.64
CA ALA B 367 22.33 25.41 8.47
C ALA B 367 23.78 25.08 8.84
N LEU B 368 24.23 25.58 9.99
CA LEU B 368 25.59 25.34 10.45
C LEU B 368 25.82 23.87 10.76
N VAL B 369 24.92 23.28 11.52
CA VAL B 369 25.04 21.89 11.93
C VAL B 369 25.16 20.99 10.70
N LEU B 370 24.25 21.17 9.75
CA LEU B 370 24.23 20.37 8.53
C LEU B 370 25.52 20.52 7.75
N GLU B 371 26.10 21.72 7.79
CA GLU B 371 27.38 22.00 7.15
C GLU B 371 28.54 21.23 7.81
N THR B 372 28.57 21.19 9.14
CA THR B 372 29.63 20.47 9.85
C THR B 372 29.43 18.96 9.74
N LEU B 373 28.18 18.52 9.54
CA LEU B 373 27.88 17.10 9.32
C LEU B 373 28.25 16.62 7.91
N GLY B 374 28.45 17.56 6.99
CA GLY B 374 28.98 17.24 5.66
C GLY B 374 28.04 17.47 4.50
N ALA B 375 26.84 17.98 4.76
CA ALA B 375 25.88 18.28 3.70
C ALA B 375 26.35 19.51 2.93
N ARG B 376 26.41 19.39 1.60
CA ARG B 376 26.96 20.44 0.75
C ARG B 376 25.91 21.48 0.33
N PHE B 377 24.70 21.01 0.03
CA PHE B 377 23.65 21.85 -0.56
C PHE B 377 22.45 22.01 0.36
N GLY B 378 21.68 23.08 0.14
CA GLY B 378 20.58 23.45 1.03
C GLY B 378 19.36 23.99 0.31
N GLN B 379 18.23 23.95 1.02
CA GLN B 379 16.94 24.37 0.50
C GLN B 379 16.05 24.67 1.71
N GLY B 380 15.40 25.83 1.71
CA GLY B 380 14.59 26.24 2.86
C GLY B 380 14.23 27.71 2.87
N TYR B 381 13.33 28.08 3.79
CA TYR B 381 12.89 29.47 3.92
C TYR B 381 14.00 30.40 4.39
N LEU B 382 14.96 29.87 5.14
CA LEU B 382 16.12 30.66 5.56
C LEU B 382 16.66 31.42 4.35
N PHE B 383 16.81 30.70 3.24
CA PHE B 383 17.34 31.29 2.01
C PHE B 383 16.23 31.95 1.22
N SER B 384 15.21 31.18 0.87
CA SER B 384 14.08 31.70 0.08
C SER B 384 12.95 30.69 0.00
N LYS B 385 11.72 31.17 0.21
CA LYS B 385 10.53 30.37 -0.10
C LYS B 385 10.38 30.28 -1.63
N PRO B 386 9.59 29.31 -2.11
CA PRO B 386 9.38 29.22 -3.56
C PRO B 386 8.64 30.44 -4.08
N VAL B 387 9.01 30.90 -5.27
CA VAL B 387 8.44 32.13 -5.84
C VAL B 387 8.20 31.97 -7.34
N ASP B 388 7.49 32.94 -7.93
CA ASP B 388 7.26 32.97 -9.38
C ASP B 388 8.53 33.27 -10.16
N LEU B 389 8.49 32.96 -11.46
CA LEU B 389 9.65 33.09 -12.34
C LEU B 389 10.24 34.50 -12.32
N GLY B 390 9.37 35.50 -12.31
CA GLY B 390 9.79 36.89 -12.27
C GLY B 390 10.66 37.18 -11.07
N ARG B 391 10.17 36.85 -9.88
CA ARG B 391 10.93 37.07 -8.65
C ARG B 391 12.21 36.24 -8.60
N PHE B 392 12.16 35.03 -9.18
CA PHE B 392 13.33 34.16 -9.21
C PHE B 392 14.45 34.74 -10.05
N LEU B 393 14.09 35.30 -11.21
CA LEU B 393 15.05 35.94 -12.10
C LEU B 393 15.72 37.14 -11.42
N LYS B 394 14.97 37.84 -10.58
CA LYS B 394 15.55 38.91 -9.76
C LYS B 394 16.53 38.37 -8.70
N LEU B 395 16.14 37.30 -8.03
CA LEU B 395 16.99 36.67 -7.00
C LEU B 395 18.38 36.33 -7.50
N ILE B 396 18.49 35.90 -8.75
CA ILE B 396 19.79 35.52 -9.32
C ILE B 396 20.59 36.71 -9.88
N LYS B 397 20.43 37.89 -9.27
CA LYS B 397 21.29 39.06 -9.50
C LYS B 397 21.68 39.72 -8.17
P1 C2E C . 11.88 -19.92 5.82
O2P C2E C . 11.65 -20.46 4.45
O1P C2E C . 11.87 -20.84 6.98
O5' C2E C . 10.80 -18.77 6.14
C5' C2E C . 10.60 -17.72 5.21
C4' C2E C . 9.75 -16.63 5.84
O4' C2E C . 8.51 -17.19 6.28
C3' C2E C . 10.38 -16.11 7.11
O3' C2E C . 11.50 -15.22 6.84
C2' C2E C . 9.15 -15.41 7.70
O2' C2E C . 8.89 -14.17 7.04
C1' C2E C . 8.02 -16.38 7.38
N9 C2E C . 7.70 -17.22 8.58
C8 C2E C . 8.33 -18.34 8.97
N7 C2E C . 7.74 -18.77 10.07
C5 C2E C . 6.75 -17.94 10.38
C6 C2E C . 5.87 -17.93 11.37
O6 C2E C . 5.88 -18.80 12.24
N1 C2E C . 4.92 -16.91 11.46
C2 C2E C . 4.91 -15.93 10.48
N2 C2E C . 4.02 -14.95 10.52
N3 C2E C . 5.82 -15.98 9.49
C4 C2E C . 6.73 -16.97 9.45
P11 C2E C . 12.38 -14.49 8.00
O21 C2E C . 12.68 -13.09 7.57
O11 C2E C . 11.81 -14.71 9.35
O5A C2E C . 13.83 -15.23 7.89
C5A C2E C . 14.06 -16.62 8.14
C4A C2E C . 14.37 -17.31 6.81
O4A C2E C . 15.80 -17.24 6.46
C3A C2E C . 14.04 -18.80 6.92
O3A C2E C . 13.29 -19.17 5.74
C2A C2E C . 15.38 -19.48 6.95
O2A C2E C . 15.29 -20.82 6.39
C1A C2E C . 16.21 -18.57 6.06
N91 C2E C . 17.69 -18.76 6.25
C81 C2E C . 18.29 -18.84 7.43
N71 C2E C . 19.59 -19.00 7.24
C51 C2E C . 19.81 -19.03 5.93
C61 C2E C . 20.94 -19.17 5.23
O61 C2E C . 22.03 -19.30 5.79
N11 C2E C . 20.89 -19.15 3.83
C21 C2E C . 19.65 -19.00 3.22
N21 C2E C . 19.56 -18.97 1.89
N31 C2E C . 18.55 -18.86 3.97
C41 C2E C . 18.63 -18.88 5.31
P CMP D . -28.89 3.77 -16.26
O1P CMP D . -27.60 4.21 -16.81
O2P CMP D . -29.42 2.47 -16.72
O5' CMP D . -30.01 4.92 -16.55
C5' CMP D . -31.27 4.71 -15.92
C4' CMP D . -30.91 4.81 -14.44
O4' CMP D . -32.07 4.69 -13.57
C3' CMP D . -30.08 3.61 -14.09
O3' CMP D . -28.78 3.81 -14.62
C2' CMP D . -30.15 3.65 -12.60
O2' CMP D . -29.26 4.64 -12.09
C1' CMP D . -31.61 4.06 -12.34
N9 CMP D . -32.45 2.86 -12.04
C8 CMP D . -32.65 1.84 -12.87
N7 CMP D . -33.45 0.96 -12.27
C5 CMP D . -33.77 1.44 -11.07
C6 CMP D . -34.54 0.94 -10.10
N6 CMP D . -35.11 -0.23 -10.33
N1 CMP D . -34.73 1.59 -8.94
C2 CMP D . -34.09 2.82 -8.76
N3 CMP D . -33.29 3.32 -9.81
C4 CMP D . -33.14 2.62 -10.93
CA CA E . 11.90 -13.29 11.17
CA CA F . 14.55 -11.86 6.96
P1 C2E G . 4.86 22.41 -1.59
O2P C2E G . 3.56 22.62 -0.92
O1P C2E G . 5.28 23.34 -2.69
O5' C2E G . 4.88 20.94 -2.18
C5' C2E G . 4.53 19.85 -1.33
C4' C2E G . 4.69 18.54 -2.09
O4' C2E G . 3.90 18.57 -3.28
C3' C2E G . 6.10 18.41 -2.61
O3' C2E G . 7.00 18.07 -1.51
C2' C2E G . 5.89 17.30 -3.61
O2' C2E G . 5.82 16.04 -2.97
C1' C2E G . 4.52 17.66 -4.21
N9 C2E G . 4.64 18.38 -5.48
C8 C2E G . 4.68 19.70 -5.60
N7 C2E G . 4.79 20.00 -6.90
C5 C2E G . 4.82 18.86 -7.57
C6 C2E G . 4.92 18.62 -8.88
O6 C2E G . 5.00 19.55 -9.68
N1 C2E G . 4.92 17.31 -9.36
C2 C2E G . 4.81 16.27 -8.42
N2 C2E G . 4.81 15.01 -8.85
N3 C2E G . 4.72 16.56 -7.12
C4 C2E G . 4.72 17.84 -6.70
P11 C2E G . 8.63 17.87 -1.69
O21 C2E G . 9.03 16.79 -0.75
O11 C2E G . 9.02 17.78 -3.12
O5A C2E G . 9.20 19.21 -1.02
C5A C2E G . 8.81 20.51 -1.43
C4A C2E G . 8.07 21.17 -0.28
O4A C2E G . 8.99 21.58 0.77
C3A C2E G . 7.40 22.43 -0.79
O3A C2E G . 6.00 22.38 -0.44
C2A C2E G . 8.12 23.55 -0.05
O2A C2E G . 7.22 24.65 0.21
C1A C2E G . 8.53 22.87 1.23
N91 C2E G . 9.61 23.61 1.96
C81 C2E G . 10.83 23.87 1.50
N71 C2E G . 11.49 24.55 2.43
C51 C2E G . 10.68 24.73 3.47
C61 C2E G . 10.87 25.35 4.65
O61 C2E G . 11.94 25.89 4.94
N11 C2E G . 9.82 25.38 5.57
C21 C2E G . 8.61 24.76 5.24
N21 C2E G . 7.59 24.78 6.07
N31 C2E G . 8.50 24.16 4.04
C41 C2E G . 9.51 24.15 3.17
P CMP H . -29.63 -14.08 -0.73
O1P CMP H . -28.56 -14.23 0.26
O2P CMP H . -30.67 -13.06 -0.52
O5' CMP H . -30.37 -15.53 -0.91
C5' CMP H . -31.29 -15.61 -1.99
C4' CMP H . -30.40 -15.39 -3.21
O4' CMP H . -31.13 -15.45 -4.45
C3' CMP H . -29.88 -13.97 -3.17
O3' CMP H . -28.89 -13.86 -2.16
C2' CMP H . -29.35 -13.84 -4.56
O2' CMP H . -28.10 -14.51 -4.69
C1' CMP H . -30.45 -14.54 -5.36
N9 CMP H . -31.43 -13.56 -5.89
C8 CMP H . -32.23 -12.78 -5.17
N7 CMP H . -32.96 -12.06 -6.01
C5 CMP H . -32.61 -12.37 -7.26
C6 CMP H . -33.04 -11.92 -8.44
N6 CMP H . -34.00 -10.99 -8.41
N1 CMP H . -32.54 -12.38 -9.59
C2 CMP H . -31.56 -13.37 -9.54
N3 CMP H . -31.11 -13.82 -8.29
C4 CMP H . -31.66 -13.31 -7.18
CA CA I . 10.80 17.00 -4.39
CA CA J . 10.81 16.23 0.62
#